data_8FQW
#
_entry.id   8FQW
#
_cell.length_a   41.435
_cell.length_b   83.440
_cell.length_c   179.809
_cell.angle_alpha   90.00
_cell.angle_beta   90.00
_cell.angle_gamma   90.00
#
_symmetry.space_group_name_H-M   'P 21 21 21'
#
loop_
_entity.id
_entity.type
_entity.pdbx_description
1 polymer Beta-lactamase
2 non-polymer '1-[(2R)-2-{2-[(5-amino-1,3,4-thiadiazol-2-yl)sulfanyl]acetamido}-2-boronoethyl]-1H-1,2,3-triazole-4-carboxylic acid'
3 non-polymer 'DIMETHYL SULFOXIDE'
4 non-polymer 'PHOSPHATE ION'
5 water water
#
_entity_poly.entity_id   1
_entity_poly.type   'polypeptide(L)'
_entity_poly.pdbx_seq_one_letter_code
;MGNTPKDQEIKKLVDQNFKPLLEKYDVPGMAVGVIQNNKKYEMYYGLQSVQDKKAVNSSTIFELGSVSKLFTATAGGYAK
NKGKISFDDTPGKYWKELKNTPIDQVNLLQLATYTSGNLALQFPDEVKTDQQVLTFFKDWKPKNSIGEYRQYSNPSIGLF
GKVVALSMNKPFDQVLEKTIFPALGLKHSYVNVPKTQMQNYAFGYNQENQPIRVNPGPLDAPAYGVKSTLPDMLSFIHAN
LNPQKYPADIQRAINETHQGRYQVNTMYQALGWEEFSYPATLQTLLDSNSEQIVMKPNKVTAISKEPSVKMYHKTGSTTG
FGTYVVFIPKENIGLVMLTNKRIPNEERIKAAYAVLNAIKK
;
_entity_poly.pdbx_strand_id   B,A
#
loop_
_chem_comp.id
_chem_comp.type
_chem_comp.name
_chem_comp.formula
DMS non-polymer 'DIMETHYL SULFOXIDE' 'C2 H6 O S'
PO4 non-polymer 'PHOSPHATE ION' 'O4 P -3'
YDB non-polymer '1-[(2R)-2-{2-[(5-amino-1,3,4-thiadiazol-2-yl)sulfanyl]acetamido}-2-boronoethyl]-1H-1,2,3-triazole-4-carboxylic acid' 'C9 H12 B N7 O5 S2'
#
# COMPACT_ATOMS: atom_id res chain seq x y z
N THR A 4 -11.41 13.73 24.07
CA THR A 4 -10.85 12.39 24.14
C THR A 4 -9.35 12.44 24.43
N PRO A 5 -8.95 12.00 25.63
CA PRO A 5 -7.54 12.03 26.00
C PRO A 5 -6.69 11.22 25.03
N LYS A 6 -5.40 11.60 24.93
CA LYS A 6 -4.53 10.93 23.97
C LYS A 6 -4.44 9.44 24.24
N ASP A 7 -4.37 9.03 25.51
CA ASP A 7 -4.27 7.61 25.79
C ASP A 7 -5.48 6.86 25.22
N GLN A 8 -6.67 7.43 25.37
N GLN A 8 -6.67 7.44 25.35
CA GLN A 8 -7.85 6.80 24.78
CA GLN A 8 -7.86 6.82 24.79
C GLN A 8 -7.84 6.93 23.26
C GLN A 8 -7.93 6.99 23.27
N GLU A 9 -7.37 8.08 22.74
CA GLU A 9 -7.29 8.23 21.29
C GLU A 9 -6.39 7.18 20.66
N ILE A 10 -5.23 6.91 21.26
CA ILE A 10 -4.33 5.90 20.71
C ILE A 10 -4.94 4.51 20.87
N LYS A 11 -5.58 4.26 22.02
CA LYS A 11 -6.23 2.97 22.23
C LYS A 11 -7.32 2.72 21.20
N LYS A 12 -8.14 3.73 20.93
CA LYS A 12 -9.17 3.60 19.89
C LYS A 12 -8.54 3.24 18.55
N LEU A 13 -7.46 3.95 18.18
CA LEU A 13 -6.81 3.68 16.90
C LEU A 13 -6.24 2.28 16.85
N VAL A 14 -5.61 1.83 17.92
CA VAL A 14 -5.05 0.48 17.93
C VAL A 14 -6.18 -0.54 17.90
N ASP A 15 -7.28 -0.26 18.61
CA ASP A 15 -8.44 -1.14 18.57
C ASP A 15 -8.98 -1.25 17.15
N GLN A 16 -8.99 -0.14 16.40
CA GLN A 16 -9.56 -0.12 15.07
C GLN A 16 -8.70 -0.88 14.06
N ASN A 17 -7.38 -0.87 14.24
CA ASN A 17 -6.48 -1.35 13.21
C ASN A 17 -5.75 -2.63 13.57
N PHE A 18 -5.40 -2.84 14.85
CA PHE A 18 -4.71 -4.06 15.25
C PHE A 18 -5.65 -5.10 15.84
N LYS A 19 -6.58 -4.67 16.69
CA LYS A 19 -7.43 -5.64 17.38
C LYS A 19 -8.16 -6.58 16.42
N PRO A 20 -8.65 -6.14 15.26
CA PRO A 20 -9.33 -7.08 14.35
C PRO A 20 -8.42 -8.20 13.86
N LEU A 21 -7.11 -7.99 13.85
CA LEU A 21 -6.18 -9.03 13.43
C LEU A 21 -6.22 -10.24 14.35
N LEU A 22 -6.53 -10.03 15.62
CA LEU A 22 -6.63 -11.15 16.56
C LEU A 22 -7.65 -12.18 16.08
N GLU A 23 -8.89 -11.75 15.86
CA GLU A 23 -9.89 -12.69 15.38
C GLU A 23 -9.59 -13.14 13.96
N LYS A 24 -9.06 -12.25 13.13
CA LYS A 24 -8.84 -12.60 11.74
C LYS A 24 -7.84 -13.75 11.59
N TYR A 25 -6.77 -13.74 12.41
CA TYR A 25 -5.71 -14.74 12.27
C TYR A 25 -5.59 -15.63 13.50
N ASP A 26 -6.63 -15.68 14.34
CA ASP A 26 -6.63 -16.49 15.57
C ASP A 26 -5.33 -16.31 16.35
N VAL A 27 -4.98 -15.06 16.63
CA VAL A 27 -3.77 -14.71 17.37
C VAL A 27 -4.07 -14.81 18.86
N PRO A 28 -3.33 -15.63 19.62
CA PRO A 28 -3.65 -15.74 21.05
C PRO A 28 -3.35 -14.48 21.84
N GLY A 29 -2.27 -13.78 21.52
CA GLY A 29 -1.86 -12.63 22.32
C GLY A 29 -1.11 -11.61 21.50
N MET A 30 -1.20 -10.34 21.92
CA MET A 30 -0.56 -9.27 21.17
C MET A 30 -0.22 -8.13 22.12
N ALA A 31 0.88 -7.45 21.82
CA ALA A 31 1.30 -6.25 22.53
C ALA A 31 1.60 -5.18 21.49
N VAL A 32 0.94 -4.05 21.59
CA VAL A 32 1.17 -2.91 20.72
C VAL A 32 1.55 -1.72 21.59
N GLY A 33 2.68 -1.11 21.28
CA GLY A 33 3.15 0.07 21.99
C GLY A 33 3.38 1.23 21.05
N VAL A 34 2.96 2.42 21.48
CA VAL A 34 3.27 3.65 20.78
C VAL A 34 4.07 4.53 21.73
N ILE A 35 5.08 5.19 21.19
CA ILE A 35 5.82 6.21 21.92
C ILE A 35 5.76 7.48 21.09
N GLN A 36 5.28 8.56 21.68
CA GLN A 36 5.14 9.84 20.99
C GLN A 36 5.61 10.94 21.92
N ASN A 37 6.60 11.70 21.48
CA ASN A 37 7.13 12.81 22.28
C ASN A 37 7.50 12.34 23.67
N ASN A 38 8.24 11.24 23.72
CA ASN A 38 8.77 10.66 24.94
C ASN A 38 7.70 10.16 25.90
N LYS A 39 6.44 10.08 25.46
CA LYS A 39 5.37 9.45 26.23
C LYS A 39 5.05 8.08 25.62
N LYS A 40 4.97 7.06 26.46
CA LYS A 40 4.78 5.67 26.04
C LYS A 40 3.36 5.21 26.31
N TYR A 41 2.76 4.52 25.35
CA TYR A 41 1.40 4.01 25.47
C TYR A 41 1.42 2.52 25.19
N GLU A 42 0.96 1.72 26.14
CA GLU A 42 1.09 0.27 26.05
C GLU A 42 -0.29 -0.37 26.04
N MET A 43 -0.52 -1.23 25.06
CA MET A 43 -1.80 -1.92 24.91
C MET A 43 -1.53 -3.41 24.72
N TYR A 44 -2.12 -4.23 25.59
CA TYR A 44 -1.93 -5.67 25.57
C TYR A 44 -3.27 -6.36 25.31
N TYR A 45 -3.20 -7.50 24.63
CA TYR A 45 -4.39 -8.24 24.21
C TYR A 45 -4.18 -9.73 24.41
N GLY A 46 -5.19 -10.40 24.97
CA GLY A 46 -5.19 -11.86 24.95
C GLY A 46 -4.13 -12.49 25.85
N LEU A 47 -3.56 -13.60 25.37
CA LEU A 47 -2.87 -14.55 26.23
C LEU A 47 -1.43 -14.76 25.80
N GLN A 48 -0.51 -14.76 26.78
CA GLN A 48 0.87 -15.14 26.51
C GLN A 48 1.02 -16.66 26.47
N SER A 49 0.19 -17.38 27.23
CA SER A 49 0.13 -18.84 27.18
C SER A 49 -1.32 -19.26 27.26
N VAL A 50 -1.81 -19.88 26.19
CA VAL A 50 -3.20 -20.33 26.13
C VAL A 50 -3.46 -21.39 27.19
N GLN A 51 -2.58 -22.39 27.28
CA GLN A 51 -2.82 -23.51 28.19
C GLN A 51 -2.72 -23.09 29.65
N ASP A 52 -1.95 -22.06 29.97
CA ASP A 52 -1.85 -21.56 31.33
C ASP A 52 -2.82 -20.43 31.63
N LYS A 53 -3.61 -20.00 30.66
CA LYS A 53 -4.50 -18.84 30.82
C LYS A 53 -3.74 -17.68 31.45
N LYS A 54 -2.52 -17.43 30.97
N LYS A 54 -2.50 -17.46 30.98
CA LYS A 54 -1.70 -16.33 31.44
CA LYS A 54 -1.69 -16.34 31.41
C LYS A 54 -1.84 -15.17 30.46
C LYS A 54 -1.91 -15.18 30.44
N ALA A 55 -2.30 -14.03 30.96
CA ALA A 55 -2.58 -12.89 30.11
C ALA A 55 -1.29 -12.23 29.67
N VAL A 56 -1.33 -11.62 28.47
CA VAL A 56 -0.23 -10.79 28.01
C VAL A 56 -0.18 -9.53 28.86
N ASN A 57 1.02 -9.19 29.36
CA ASN A 57 1.18 -7.99 30.16
C ASN A 57 2.54 -7.36 29.86
N SER A 58 2.91 -6.33 30.62
CA SER A 58 4.15 -5.61 30.34
C SER A 58 5.40 -6.45 30.59
N SER A 59 5.29 -7.54 31.35
CA SER A 59 6.41 -8.44 31.57
C SER A 59 6.52 -9.57 30.55
N THR A 60 5.58 -9.69 29.63
CA THR A 60 5.59 -10.84 28.72
C THR A 60 6.75 -10.74 27.72
N ILE A 61 7.56 -11.80 27.66
CA ILE A 61 8.71 -11.89 26.77
C ILE A 61 8.26 -12.56 25.46
N PHE A 62 8.54 -11.90 24.33
CA PHE A 62 8.24 -12.39 22.98
C PHE A 62 9.54 -12.64 22.21
N GLU A 63 9.46 -13.58 21.27
CA GLU A 63 10.54 -13.78 20.30
C GLU A 63 10.50 -12.70 19.22
N LEU A 64 11.61 -12.00 19.05
CA LEU A 64 11.69 -10.90 18.10
C LEU A 64 11.93 -11.34 16.66
N GLY A 65 12.31 -12.60 16.42
CA GLY A 65 12.63 -12.99 15.07
C GLY A 65 13.73 -12.13 14.49
N SER A 66 13.57 -11.72 13.23
CA SER A 66 14.62 -10.95 12.53
C SER A 66 14.81 -9.55 13.08
N VAL A 67 13.94 -9.07 13.97
CA VAL A 67 14.24 -7.80 14.60
C VAL A 67 15.49 -7.93 15.47
N SER A 68 15.89 -9.16 15.83
CA SER A 68 17.17 -9.42 16.47
C SER A 68 18.33 -8.78 15.71
N LYS A 69 18.22 -8.72 14.37
CA LYS A 69 19.29 -8.18 13.55
C LYS A 69 19.56 -6.71 13.86
N LEU A 70 18.58 -5.99 14.39
CA LEU A 70 18.81 -4.60 14.78
C LEU A 70 19.80 -4.52 15.94
N PHE A 71 19.73 -5.46 16.86
CA PHE A 71 20.70 -5.48 17.96
C PHE A 71 22.07 -5.91 17.48
N THR A 72 22.12 -6.89 16.57
CA THR A 72 23.39 -7.26 15.96
C THR A 72 24.04 -6.07 15.27
N ALA A 73 23.25 -5.31 14.50
CA ALA A 73 23.77 -4.12 13.82
C ALA A 73 24.29 -3.11 14.83
N THR A 74 23.53 -2.88 15.91
CA THR A 74 23.96 -1.96 16.97
C THR A 74 25.26 -2.42 17.60
N ALA A 75 25.37 -3.72 17.88
CA ALA A 75 26.61 -4.25 18.45
C ALA A 75 27.78 -4.03 17.49
N GLY A 76 27.55 -4.20 16.19
CA GLY A 76 28.61 -3.96 15.22
C GLY A 76 28.99 -2.49 15.14
N GLY A 77 27.99 -1.61 15.15
CA GLY A 77 28.29 -0.18 15.18
C GLY A 77 29.08 0.20 16.43
N TYR A 78 28.74 -0.41 17.57
CA TYR A 78 29.48 -0.19 18.81
C TYR A 78 30.93 -0.63 18.67
N ALA A 79 31.15 -1.87 18.22
CA ALA A 79 32.51 -2.37 18.06
C ALA A 79 33.31 -1.51 17.09
N LYS A 80 32.67 -1.09 16.00
CA LYS A 80 33.35 -0.21 15.04
C LYS A 80 33.77 1.10 15.71
N ASN A 81 32.87 1.73 16.45
CA ASN A 81 33.22 3.02 17.02
C ASN A 81 34.22 2.91 18.17
N LYS A 82 34.30 1.75 18.83
CA LYS A 82 35.35 1.49 19.79
C LYS A 82 36.69 1.15 19.13
N GLY A 83 36.73 1.08 17.79
CA GLY A 83 37.95 0.69 17.10
C GLY A 83 38.27 -0.79 17.15
N LYS A 84 37.31 -1.64 17.53
CA LYS A 84 37.56 -3.08 17.58
C LYS A 84 37.44 -3.73 16.21
N ILE A 85 36.71 -3.11 15.28
CA ILE A 85 36.61 -3.58 13.90
C ILE A 85 36.60 -2.37 12.99
N SER A 86 36.90 -2.63 11.72
CA SER A 86 36.60 -1.73 10.62
C SER A 86 35.65 -2.45 9.67
N PHE A 87 34.63 -1.74 9.19
CA PHE A 87 33.69 -2.37 8.26
C PHE A 87 34.38 -2.82 6.98
N ASP A 88 35.58 -2.31 6.71
CA ASP A 88 36.40 -2.78 5.60
C ASP A 88 37.14 -4.08 5.90
N ASP A 89 37.15 -4.53 7.15
CA ASP A 89 37.85 -5.77 7.46
C ASP A 89 37.14 -6.95 6.82
N THR A 90 37.85 -8.06 6.70
CA THR A 90 37.29 -9.31 6.23
C THR A 90 37.30 -10.34 7.36
N PRO A 91 36.41 -11.34 7.30
CA PRO A 91 36.22 -12.19 8.48
C PRO A 91 37.49 -12.88 8.96
N GLY A 92 38.39 -13.28 8.05
CA GLY A 92 39.59 -13.99 8.45
C GLY A 92 40.50 -13.21 9.37
N LYS A 93 40.31 -11.89 9.46
CA LYS A 93 41.11 -11.11 10.40
C LYS A 93 40.82 -11.50 11.83
N TYR A 94 39.57 -11.88 12.13
CA TYR A 94 39.11 -12.16 13.48
C TYR A 94 38.82 -13.64 13.73
N TRP A 95 38.18 -14.30 12.77
CA TRP A 95 38.05 -15.76 12.80
C TRP A 95 39.21 -16.29 11.95
N LYS A 96 40.36 -16.43 12.60
CA LYS A 96 41.61 -16.58 11.86
C LYS A 96 41.62 -17.82 10.95
N GLU A 97 40.80 -18.82 11.26
CA GLU A 97 40.75 -20.00 10.40
C GLU A 97 40.23 -19.68 9.00
N LEU A 98 39.52 -18.57 8.83
CA LEU A 98 38.97 -18.19 7.52
C LEU A 98 39.95 -17.39 6.66
N LYS A 99 41.13 -17.04 7.20
CA LYS A 99 42.10 -16.32 6.39
C LYS A 99 42.42 -17.09 5.11
N ASN A 100 42.52 -16.36 4.00
CA ASN A 100 42.89 -16.92 2.70
C ASN A 100 41.83 -17.88 2.15
N THR A 101 40.58 -17.76 2.56
CA THR A 101 39.47 -18.47 1.93
C THR A 101 38.63 -17.50 1.11
N PRO A 102 37.84 -18.01 0.16
CA PRO A 102 37.02 -17.10 -0.67
C PRO A 102 36.14 -16.14 0.13
N ILE A 103 35.53 -16.60 1.22
CA ILE A 103 34.71 -15.70 2.05
C ILE A 103 35.54 -14.55 2.60
N ASP A 104 36.86 -14.71 2.68
CA ASP A 104 37.72 -13.63 3.15
C ASP A 104 37.90 -12.51 2.12
N GLN A 105 37.23 -12.59 0.97
CA GLN A 105 37.14 -11.48 0.04
C GLN A 105 35.92 -10.59 0.29
N VAL A 106 35.05 -10.99 1.22
CA VAL A 106 33.86 -10.23 1.56
C VAL A 106 34.15 -9.44 2.83
N ASN A 107 33.78 -8.16 2.85
CA ASN A 107 34.07 -7.35 4.02
C ASN A 107 32.86 -7.32 4.94
N LEU A 108 33.09 -6.78 6.15
CA LEU A 108 32.09 -6.90 7.20
C LEU A 108 30.81 -6.13 6.86
N LEU A 109 30.95 -4.97 6.22
CA LEU A 109 29.76 -4.23 5.81
C LEU A 109 28.94 -5.02 4.81
N GLN A 110 29.61 -5.71 3.88
CA GLN A 110 28.92 -6.51 2.89
C GLN A 110 28.22 -7.70 3.54
N LEU A 111 28.83 -8.31 4.56
CA LEU A 111 28.13 -9.34 5.33
C LEU A 111 26.91 -8.77 6.04
N ALA A 112 27.07 -7.62 6.70
CA ALA A 112 25.98 -7.02 7.44
C ALA A 112 24.82 -6.61 6.54
N THR A 113 25.10 -6.21 5.30
CA THR A 113 24.04 -5.72 4.41
C THR A 113 23.73 -6.69 3.28
N TYR A 114 24.14 -7.96 3.42
CA TYR A 114 23.62 -9.08 2.62
C TYR A 114 24.12 -9.10 1.18
N THR A 115 25.35 -8.63 0.92
CA THR A 115 25.82 -8.54 -0.46
C THR A 115 27.04 -9.42 -0.73
N SER A 116 27.19 -10.53 -0.01
CA SER A 116 28.29 -11.44 -0.33
C SER A 116 28.18 -12.01 -1.73
N GLY A 117 26.97 -12.06 -2.30
CA GLY A 117 26.78 -12.61 -3.62
C GLY A 117 26.53 -14.11 -3.67
N ASN A 118 26.57 -14.79 -2.53
CA ASN A 118 26.17 -16.19 -2.52
C ASN A 118 25.83 -16.68 -1.11
N LEU A 119 24.89 -16.02 -0.46
CA LEU A 119 24.39 -16.48 0.83
C LEU A 119 22.87 -16.39 0.82
N ALA A 120 22.20 -17.51 1.12
CA ALA A 120 20.75 -17.62 1.07
C ALA A 120 20.11 -17.10 2.36
N LEU A 121 18.78 -17.11 2.38
CA LEU A 121 18.05 -16.61 3.55
C LEU A 121 18.34 -17.48 4.78
N GLN A 122 18.28 -18.79 4.62
CA GLN A 122 18.40 -19.69 5.74
C GLN A 122 19.74 -20.44 5.71
N PHE A 123 20.22 -20.75 6.89
CA PHE A 123 21.36 -21.62 7.17
C PHE A 123 20.87 -23.06 7.27
N PRO A 124 21.59 -24.03 6.69
CA PRO A 124 21.10 -25.42 6.71
C PRO A 124 20.92 -25.92 8.13
N ASP A 125 19.77 -26.55 8.40
CA ASP A 125 19.56 -27.16 9.72
C ASP A 125 20.56 -28.27 9.99
N GLU A 126 21.17 -28.82 8.94
CA GLU A 126 22.19 -29.86 9.08
C GLU A 126 23.50 -29.32 9.65
N VAL A 127 23.69 -28.01 9.69
CA VAL A 127 24.84 -27.39 10.32
C VAL A 127 24.46 -27.14 11.78
N LYS A 128 24.90 -28.03 12.66
CA LYS A 128 24.42 -28.02 14.04
C LYS A 128 25.47 -27.63 15.06
N THR A 129 26.75 -27.77 14.76
CA THR A 129 27.82 -27.44 15.68
C THR A 129 28.59 -26.23 15.17
N ASP A 130 29.41 -25.67 16.06
CA ASP A 130 30.19 -24.50 15.69
C ASP A 130 31.30 -24.87 14.71
N GLN A 131 31.88 -26.07 14.86
CA GLN A 131 32.83 -26.56 13.88
C GLN A 131 32.17 -26.64 12.50
N GLN A 132 30.99 -27.25 12.44
CA GLN A 132 30.26 -27.32 11.19
C GLN A 132 30.05 -25.94 10.58
N VAL A 133 29.83 -24.92 11.42
CA VAL A 133 29.70 -23.56 10.91
C VAL A 133 31.01 -23.09 10.31
N LEU A 134 32.13 -23.35 10.98
CA LEU A 134 33.42 -22.95 10.43
C LEU A 134 33.67 -23.65 9.11
N THR A 135 33.37 -24.95 9.04
CA THR A 135 33.61 -25.69 7.81
C THR A 135 32.76 -25.13 6.66
N PHE A 136 31.54 -24.71 6.97
CA PHE A 136 30.68 -24.09 5.97
C PHE A 136 31.38 -22.91 5.29
N PHE A 137 31.98 -22.02 6.09
CA PHE A 137 32.58 -20.82 5.53
C PHE A 137 33.97 -21.07 4.94
N LYS A 138 34.66 -22.12 5.38
CA LYS A 138 35.90 -22.52 4.70
C LYS A 138 35.61 -23.02 3.29
N ASP A 139 34.53 -23.78 3.11
CA ASP A 139 34.17 -24.32 1.80
C ASP A 139 33.40 -23.34 0.93
N TRP A 140 32.94 -22.23 1.50
CA TRP A 140 32.11 -21.28 0.77
C TRP A 140 32.83 -20.79 -0.48
N LYS A 141 32.07 -20.68 -1.57
CA LYS A 141 32.60 -20.16 -2.81
C LYS A 141 31.67 -19.10 -3.37
N PRO A 142 32.22 -18.05 -3.99
CA PRO A 142 31.39 -16.95 -4.46
C PRO A 142 30.53 -17.37 -5.65
N LYS A 143 29.58 -16.50 -5.97
CA LYS A 143 28.70 -16.71 -7.12
C LYS A 143 28.56 -15.42 -7.91
N ASN A 144 27.87 -14.43 -7.35
CA ASN A 144 27.76 -13.12 -7.97
C ASN A 144 28.87 -12.20 -7.50
N SER A 145 29.11 -11.15 -8.28
CA SER A 145 30.08 -10.14 -7.90
C SER A 145 29.86 -9.69 -6.47
N ILE A 146 30.91 -9.81 -5.65
CA ILE A 146 30.80 -9.43 -4.25
C ILE A 146 30.38 -7.97 -4.13
N GLY A 147 29.35 -7.72 -3.33
CA GLY A 147 28.91 -6.37 -3.04
C GLY A 147 27.90 -5.78 -4.00
N GLU A 148 27.45 -6.54 -5.01
N GLU A 148 27.47 -6.53 -5.02
CA GLU A 148 26.60 -5.98 -6.04
CA GLU A 148 26.59 -5.97 -6.04
C GLU A 148 25.15 -6.42 -5.96
C GLU A 148 25.13 -6.36 -5.88
N TYR A 149 24.84 -7.52 -5.28
CA TYR A 149 23.47 -8.02 -5.18
C TYR A 149 23.10 -8.24 -3.72
N ARG A 150 21.97 -7.65 -3.31
CA ARG A 150 21.39 -7.88 -2.00
C ARG A 150 20.58 -9.17 -2.01
N GLN A 151 20.90 -10.07 -1.10
CA GLN A 151 20.14 -11.30 -0.91
C GLN A 151 19.93 -11.45 0.58
N TYR A 152 18.75 -11.09 1.06
CA TYR A 152 18.49 -11.11 2.49
C TYR A 152 18.90 -12.46 3.08
N SER A 153 19.74 -12.43 4.12
CA SER A 153 20.44 -13.65 4.53
C SER A 153 20.73 -13.71 6.03
N ASN A 154 20.25 -14.79 6.66
CA ASN A 154 20.61 -15.06 8.05
C ASN A 154 22.08 -15.38 8.21
N PRO A 155 22.66 -16.35 7.47
CA PRO A 155 24.09 -16.64 7.66
C PRO A 155 24.98 -15.43 7.41
N SER A 156 24.56 -14.50 6.56
CA SER A 156 25.39 -13.34 6.28
C SER A 156 25.55 -12.46 7.53
N ILE A 157 24.45 -12.02 8.11
CA ILE A 157 24.57 -11.21 9.31
C ILE A 157 24.97 -12.05 10.51
N GLY A 158 24.67 -13.35 10.50
CA GLY A 158 25.17 -14.23 11.55
C GLY A 158 26.68 -14.23 11.64
N LEU A 159 27.36 -14.35 10.49
CA LEU A 159 28.81 -14.30 10.47
C LEU A 159 29.32 -12.94 10.92
N PHE A 160 28.70 -11.87 10.44
CA PHE A 160 28.97 -10.53 10.96
C PHE A 160 28.90 -10.51 12.48
N GLY A 161 27.81 -11.03 13.05
CA GLY A 161 27.69 -11.08 14.49
C GLY A 161 28.82 -11.85 15.15
N LYS A 162 29.17 -13.01 14.58
CA LYS A 162 30.26 -13.81 15.15
C LYS A 162 31.56 -13.02 15.15
N VAL A 163 31.82 -12.26 14.09
CA VAL A 163 33.05 -11.48 14.00
C VAL A 163 33.04 -10.35 15.02
N VAL A 164 31.90 -9.67 15.17
CA VAL A 164 31.80 -8.58 16.16
C VAL A 164 32.15 -9.11 17.54
N ALA A 165 31.59 -10.27 17.91
CA ALA A 165 31.84 -10.86 19.21
C ALA A 165 33.32 -11.18 19.39
N LEU A 166 33.94 -11.80 18.37
CA LEU A 166 35.36 -12.10 18.43
C LEU A 166 36.18 -10.83 18.65
N SER A 167 35.83 -9.75 17.94
CA SER A 167 36.57 -8.50 18.11
C SER A 167 36.46 -7.98 19.54
N MET A 168 35.41 -8.34 20.26
CA MET A 168 35.26 -7.93 21.65
C MET A 168 35.65 -9.03 22.63
N ASN A 169 36.25 -10.12 22.13
CA ASN A 169 36.71 -11.23 22.97
C ASN A 169 35.62 -11.69 23.94
N LYS A 170 34.40 -11.80 23.44
CA LYS A 170 33.27 -12.26 24.23
C LYS A 170 32.32 -13.01 23.33
N PRO A 171 31.62 -14.04 23.84
CA PRO A 171 30.59 -14.70 23.03
C PRO A 171 29.48 -13.72 22.67
N PHE A 172 28.86 -13.95 21.53
CA PHE A 172 27.86 -13.00 21.04
C PHE A 172 26.77 -12.75 22.07
N ASP A 173 26.32 -13.79 22.77
CA ASP A 173 25.24 -13.62 23.74
C ASP A 173 25.64 -12.65 24.85
N GLN A 174 26.92 -12.65 25.23
CA GLN A 174 27.43 -11.75 26.26
C GLN A 174 27.61 -10.34 25.73
N VAL A 175 27.92 -10.19 24.45
CA VAL A 175 27.99 -8.85 23.85
C VAL A 175 26.67 -8.12 24.07
N LEU A 176 25.55 -8.78 23.77
CA LEU A 176 24.25 -8.13 23.96
C LEU A 176 23.86 -8.07 25.44
N GLU A 177 23.98 -9.19 26.15
CA GLU A 177 23.43 -9.23 27.49
C GLU A 177 24.28 -8.45 28.50
N LYS A 178 25.60 -8.35 28.27
CA LYS A 178 26.47 -7.67 29.23
C LYS A 178 26.89 -6.28 28.79
N THR A 179 26.82 -5.97 27.51
CA THR A 179 27.25 -4.67 27.00
C THR A 179 26.11 -3.89 26.37
N ILE A 180 25.48 -4.41 25.30
CA ILE A 180 24.54 -3.61 24.52
C ILE A 180 23.24 -3.39 25.29
N PHE A 181 22.64 -4.46 25.81
CA PHE A 181 21.40 -4.30 26.55
C PHE A 181 21.55 -3.38 27.75
N PRO A 182 22.57 -3.54 28.60
CA PRO A 182 22.73 -2.58 29.70
C PRO A 182 22.94 -1.16 29.23
N ALA A 183 23.74 -0.96 28.18
CA ALA A 183 23.95 0.39 27.64
C ALA A 183 22.64 1.10 27.36
N LEU A 184 21.58 0.35 27.05
CA LEU A 184 20.28 0.90 26.70
C LEU A 184 19.25 0.74 27.81
N GLY A 185 19.66 0.28 28.99
CA GLY A 185 18.71 0.08 30.07
C GLY A 185 17.68 -0.98 29.81
N LEU A 186 17.96 -1.92 28.92
CA LEU A 186 17.00 -2.97 28.57
C LEU A 186 17.17 -4.11 29.55
N LYS A 187 16.26 -4.19 30.53
CA LYS A 187 16.37 -5.15 31.63
C LYS A 187 15.56 -6.42 31.41
N HIS A 188 14.76 -6.49 30.35
CA HIS A 188 13.94 -7.66 30.08
C HIS A 188 14.22 -8.24 28.69
N SER A 189 15.42 -8.03 28.16
CA SER A 189 15.79 -8.50 26.83
C SER A 189 16.88 -9.56 26.95
N TYR A 190 16.75 -10.64 26.17
CA TYR A 190 17.61 -11.80 26.38
C TYR A 190 17.94 -12.48 25.05
N VAL A 191 19.15 -13.03 24.99
CA VAL A 191 19.44 -14.10 24.04
C VAL A 191 19.02 -15.45 24.62
N ASN A 192 19.41 -15.70 25.87
CA ASN A 192 19.01 -16.89 26.61
C ASN A 192 18.13 -16.45 27.78
N VAL A 193 16.87 -16.82 27.76
CA VAL A 193 15.96 -16.43 28.83
C VAL A 193 16.30 -17.22 30.08
N PRO A 194 16.63 -16.56 31.20
CA PRO A 194 16.99 -17.28 32.41
C PRO A 194 15.79 -17.98 33.02
N LYS A 195 16.09 -18.87 33.97
CA LYS A 195 15.04 -19.65 34.62
C LYS A 195 14.06 -18.76 35.36
N THR A 196 14.56 -17.71 36.01
CA THR A 196 13.69 -16.78 36.72
C THR A 196 12.72 -16.04 35.81
N GLN A 197 12.92 -16.11 34.48
CA GLN A 197 12.08 -15.39 33.53
C GLN A 197 11.14 -16.28 32.73
N MET A 198 11.34 -17.60 32.76
CA MET A 198 10.55 -18.46 31.88
C MET A 198 9.06 -18.30 32.12
N GLN A 199 8.66 -18.00 33.36
CA GLN A 199 7.24 -17.80 33.65
C GLN A 199 6.65 -16.64 32.85
N ASN A 200 7.48 -15.72 32.40
CA ASN A 200 7.07 -14.59 31.58
C ASN A 200 7.26 -14.82 30.08
N TYR A 201 7.91 -15.91 29.70
CA TYR A 201 8.22 -16.18 28.29
C TYR A 201 6.97 -16.75 27.62
N ALA A 202 6.41 -15.99 26.66
CA ALA A 202 5.24 -16.44 25.93
C ALA A 202 5.53 -17.74 25.19
N PHE A 203 4.49 -18.58 25.06
CA PHE A 203 4.49 -19.57 24.00
C PHE A 203 4.25 -18.88 22.66
N GLY A 204 5.04 -19.26 21.67
CA GLY A 204 4.65 -18.96 20.31
C GLY A 204 3.63 -19.96 19.82
N TYR A 205 2.89 -19.60 18.78
CA TYR A 205 1.87 -20.49 18.24
C TYR A 205 2.01 -20.54 16.73
N ASN A 206 2.12 -21.76 16.19
CA ASN A 206 2.33 -21.94 14.76
C ASN A 206 1.00 -21.77 14.02
N GLN A 207 0.99 -22.03 12.72
CA GLN A 207 -0.21 -21.77 11.94
C GLN A 207 -1.36 -22.69 12.30
N GLU A 208 -1.11 -23.78 13.03
CA GLU A 208 -2.17 -24.61 13.59
C GLU A 208 -2.48 -24.24 15.03
N ASN A 209 -1.95 -23.11 15.51
CA ASN A 209 -2.10 -22.68 16.91
C ASN A 209 -1.57 -23.70 17.90
N GLN A 210 -0.56 -24.47 17.49
N GLN A 210 -0.55 -24.48 17.50
CA GLN A 210 0.15 -25.32 18.44
CA GLN A 210 0.19 -25.35 18.40
C GLN A 210 1.33 -24.57 19.05
C GLN A 210 1.33 -24.57 19.05
N PRO A 211 1.54 -24.68 20.36
CA PRO A 211 2.61 -23.90 21.00
C PRO A 211 3.99 -24.36 20.56
N ILE A 212 4.90 -23.39 20.42
CA ILE A 212 6.25 -23.65 19.95
C ILE A 212 7.14 -22.49 20.40
N ARG A 213 8.40 -22.80 20.69
CA ARG A 213 9.41 -21.78 20.94
C ARG A 213 10.61 -22.03 20.02
N VAL A 214 11.34 -20.94 19.73
CA VAL A 214 12.45 -21.01 18.78
C VAL A 214 13.65 -21.71 19.41
N ASN A 215 14.38 -22.46 18.58
CA ASN A 215 15.64 -23.09 18.99
C ASN A 215 16.68 -22.76 17.95
N PRO A 216 17.33 -21.60 18.05
CA PRO A 216 18.27 -21.18 17.02
C PRO A 216 19.43 -22.16 16.90
N GLY A 217 20.02 -22.21 15.70
CA GLY A 217 21.21 -22.98 15.48
C GLY A 217 22.45 -22.25 15.92
N PRO A 218 23.60 -22.88 15.69
CA PRO A 218 24.87 -22.28 16.15
C PRO A 218 25.15 -20.91 15.56
N LEU A 219 24.58 -20.57 14.39
CA LEU A 219 24.87 -19.30 13.74
C LEU A 219 23.71 -18.33 13.77
N ASP A 220 22.60 -18.67 14.42
CA ASP A 220 21.33 -17.99 14.22
C ASP A 220 20.98 -16.97 15.29
N ALA A 221 21.68 -16.94 16.44
CA ALA A 221 21.33 -15.95 17.46
C ALA A 221 21.41 -14.52 16.93
N PRO A 222 22.47 -14.08 16.26
CA PRO A 222 22.48 -12.70 15.74
C PRO A 222 21.44 -12.47 14.66
N ALA A 223 20.91 -13.52 14.04
CA ALA A 223 19.92 -13.36 12.99
C ALA A 223 18.49 -13.37 13.52
N TYR A 224 18.20 -14.16 14.56
CA TYR A 224 16.83 -14.17 15.07
C TYR A 224 16.68 -14.72 16.48
N GLY A 225 17.70 -14.60 17.32
CA GLY A 225 17.68 -15.24 18.63
C GLY A 225 17.31 -14.39 19.83
N VAL A 226 16.92 -13.13 19.65
CA VAL A 226 16.67 -12.23 20.77
C VAL A 226 15.20 -12.25 21.16
N LYS A 227 14.93 -12.19 22.47
CA LYS A 227 13.59 -12.08 23.03
C LYS A 227 13.50 -10.84 23.90
N SER A 228 12.34 -10.18 23.90
N SER A 228 12.34 -10.19 23.91
CA SER A 228 12.19 -8.91 24.60
CA SER A 228 12.18 -8.93 24.60
C SER A 228 10.72 -8.69 24.95
C SER A 228 10.73 -8.72 24.98
N THR A 229 10.47 -7.66 25.73
CA THR A 229 9.13 -7.24 26.14
C THR A 229 8.75 -5.96 25.41
N LEU A 230 7.48 -5.59 25.51
CA LEU A 230 7.06 -4.34 24.86
C LEU A 230 7.73 -3.12 25.48
N PRO A 231 7.80 -2.98 26.81
CA PRO A 231 8.52 -1.81 27.37
C PRO A 231 9.97 -1.71 26.92
N ASP A 232 10.70 -2.82 26.88
CA ASP A 232 12.09 -2.78 26.40
C ASP A 232 12.17 -2.37 24.93
N MET A 233 11.26 -2.87 24.10
CA MET A 233 11.32 -2.49 22.69
C MET A 233 10.92 -1.02 22.51
N LEU A 234 10.00 -0.50 23.33
CA LEU A 234 9.73 0.93 23.29
C LEU A 234 10.94 1.73 23.76
N SER A 235 11.65 1.23 24.77
CA SER A 235 12.91 1.86 25.14
C SER A 235 13.91 1.81 23.99
N PHE A 236 13.98 0.68 23.28
CA PHE A 236 14.88 0.57 22.14
C PHE A 236 14.50 1.57 21.05
N ILE A 237 13.21 1.65 20.73
CA ILE A 237 12.74 2.70 19.82
C ILE A 237 13.14 4.07 20.34
N HIS A 238 12.98 4.29 21.65
CA HIS A 238 13.30 5.61 22.22
C HIS A 238 14.77 5.96 22.03
N ALA A 239 15.66 4.99 22.21
CA ALA A 239 17.08 5.22 21.97
C ALA A 239 17.34 5.60 20.53
N ASN A 240 16.69 4.90 19.59
CA ASN A 240 16.86 5.22 18.17
C ASN A 240 16.28 6.58 17.82
N LEU A 241 15.26 7.03 18.56
CA LEU A 241 14.71 8.36 18.36
C LEU A 241 15.61 9.47 18.91
N ASN A 242 16.40 9.16 19.93
N ASN A 242 16.36 9.19 19.97
CA ASN A 242 17.20 10.18 20.63
CA ASN A 242 17.21 10.20 20.60
C ASN A 242 18.58 9.62 20.95
C ASN A 242 18.56 9.58 20.94
N PRO A 243 19.34 9.22 19.93
CA PRO A 243 20.68 8.67 20.20
C PRO A 243 21.62 9.69 20.83
N GLN A 244 21.34 10.99 20.68
CA GLN A 244 22.26 12.00 21.20
C GLN A 244 22.42 11.91 22.71
N LYS A 245 21.47 11.28 23.39
CA LYS A 245 21.51 11.15 24.85
C LYS A 245 22.68 10.29 25.32
N TYR A 246 23.13 9.33 24.50
CA TYR A 246 23.95 8.24 25.03
C TYR A 246 25.44 8.54 24.93
N PRO A 247 26.26 7.82 25.71
CA PRO A 247 27.71 7.99 25.59
C PRO A 247 28.13 7.76 24.15
N ALA A 248 29.31 8.30 23.82
CA ALA A 248 29.70 8.44 22.41
C ALA A 248 29.64 7.13 21.65
N ASP A 249 30.12 6.03 22.24
CA ASP A 249 30.21 4.78 21.48
C ASP A 249 28.82 4.22 21.15
N ILE A 250 27.88 4.28 22.10
CA ILE A 250 26.53 3.81 21.85
C ILE A 250 25.78 4.76 20.94
N GLN A 251 25.94 6.07 21.16
CA GLN A 251 25.32 7.06 20.31
C GLN A 251 25.75 6.89 18.86
N ARG A 252 27.06 6.83 18.63
CA ARG A 252 27.56 6.63 17.27
C ARG A 252 27.12 5.28 16.71
N ALA A 253 27.07 4.25 17.57
CA ALA A 253 26.59 2.94 17.16
C ALA A 253 25.18 3.02 16.58
N ILE A 254 24.26 3.66 17.30
CA ILE A 254 22.90 3.81 16.80
C ILE A 254 22.89 4.58 15.48
N ASN A 255 23.68 5.66 15.41
CA ASN A 255 23.73 6.44 14.18
C ASN A 255 24.22 5.61 13.00
N GLU A 256 25.19 4.71 13.24
CA GLU A 256 25.62 3.80 12.18
C GLU A 256 24.44 3.00 11.63
N THR A 257 23.56 2.50 12.51
CA THR A 257 22.44 1.72 12.06
C THR A 257 21.41 2.54 11.29
N HIS A 258 21.54 3.88 11.29
CA HIS A 258 20.64 4.77 10.56
C HIS A 258 21.20 5.20 9.22
N GLN A 259 22.44 4.87 8.92
CA GLN A 259 23.10 5.33 7.71
C GLN A 259 22.80 4.37 6.56
N GLY A 260 22.03 4.82 5.58
CA GLY A 260 21.77 4.01 4.41
C GLY A 260 23.03 3.79 3.59
N ARG A 261 23.24 2.55 3.16
CA ARG A 261 24.46 2.16 2.46
C ARG A 261 24.27 2.01 0.96
N TYR A 262 23.06 1.67 0.52
CA TYR A 262 22.72 1.59 -0.89
C TYR A 262 21.20 1.55 -0.96
N GLN A 263 20.67 1.62 -2.18
CA GLN A 263 19.23 1.59 -2.33
C GLN A 263 18.82 0.39 -3.18
N VAL A 264 17.63 -0.12 -2.88
CA VAL A 264 16.93 -1.05 -3.77
C VAL A 264 15.54 -0.44 -3.96
N ASN A 265 15.35 0.24 -5.09
CA ASN A 265 14.11 0.96 -5.40
C ASN A 265 13.90 2.01 -4.31
N THR A 266 12.79 2.00 -3.57
CA THR A 266 12.49 2.98 -2.54
C THR A 266 13.02 2.61 -1.16
N MET A 267 13.68 1.46 -1.02
CA MET A 267 14.24 1.04 0.25
C MET A 267 15.74 1.35 0.28
N TYR A 268 16.20 1.93 1.38
CA TYR A 268 17.62 2.14 1.60
C TYR A 268 18.08 1.14 2.66
N GLN A 269 19.09 0.34 2.33
CA GLN A 269 19.59 -0.63 3.30
C GLN A 269 20.56 0.04 4.26
N ALA A 270 20.13 0.22 5.50
CA ALA A 270 21.03 0.68 6.55
C ALA A 270 21.62 -0.55 7.25
N LEU A 271 22.29 -0.32 8.38
CA LEU A 271 22.81 -1.44 9.15
C LEU A 271 21.68 -1.97 10.02
N GLY A 272 21.14 -3.12 9.66
CA GLY A 272 19.99 -3.72 10.32
C GLY A 272 18.67 -3.09 9.91
N TRP A 273 18.53 -1.80 10.17
CA TRP A 273 17.33 -1.06 9.83
C TRP A 273 17.14 -0.95 8.33
N GLU A 274 15.88 -0.99 7.90
CA GLU A 274 15.48 -0.58 6.56
C GLU A 274 15.01 0.86 6.64
N GLU A 275 15.49 1.69 5.73
CA GLU A 275 15.33 3.13 5.77
C GLU A 275 14.51 3.60 4.58
N PHE A 276 13.72 4.65 4.78
CA PHE A 276 12.86 5.19 3.74
C PHE A 276 12.76 6.70 3.90
N SER A 277 12.46 7.37 2.80
CA SER A 277 12.11 8.77 2.85
C SER A 277 10.78 8.94 3.57
N TYR A 278 10.69 9.96 4.41
CA TYR A 278 9.45 10.25 5.09
C TYR A 278 8.94 11.63 4.66
N PRO A 279 7.66 11.79 4.33
CA PRO A 279 6.65 10.72 4.36
C PRO A 279 6.84 9.65 3.30
N ALA A 280 6.47 8.41 3.65
CA ALA A 280 6.49 7.25 2.78
C ALA A 280 5.07 6.73 2.58
N THR A 281 4.79 6.23 1.40
CA THR A 281 3.50 5.60 1.14
C THR A 281 3.44 4.25 1.83
N LEU A 282 2.22 3.77 2.05
CA LEU A 282 2.03 2.42 2.54
C LEU A 282 2.73 1.41 1.64
N GLN A 283 2.50 1.50 0.32
CA GLN A 283 3.06 0.51 -0.59
C GLN A 283 4.59 0.53 -0.58
N THR A 284 5.19 1.70 -0.33
CA THR A 284 6.65 1.75 -0.17
C THR A 284 7.08 0.80 0.95
N LEU A 285 6.42 0.89 2.10
CA LEU A 285 6.75 0.05 3.24
C LEU A 285 6.41 -1.42 2.97
N LEU A 286 5.31 -1.66 2.27
CA LEU A 286 4.94 -3.04 1.96
C LEU A 286 5.93 -3.67 0.98
N ASP A 287 6.46 -2.87 0.05
CA ASP A 287 7.38 -3.40 -0.95
C ASP A 287 8.63 -3.99 -0.31
N SER A 288 9.14 -3.35 0.74
CA SER A 288 10.33 -3.86 1.41
C SER A 288 10.14 -5.29 1.91
N ASN A 289 8.90 -5.73 2.12
CA ASN A 289 8.63 -7.10 2.55
C ASN A 289 8.04 -7.95 1.43
N SER A 290 8.15 -7.51 0.18
CA SER A 290 7.65 -8.30 -0.92
C SER A 290 8.54 -9.51 -1.17
N GLU A 291 7.97 -10.50 -1.87
CA GLU A 291 8.76 -11.67 -2.25
C GLU A 291 9.99 -11.28 -3.05
N GLN A 292 9.84 -10.31 -3.95
CA GLN A 292 10.97 -9.86 -4.76
C GLN A 292 12.13 -9.39 -3.89
N ILE A 293 11.84 -8.58 -2.87
CA ILE A 293 12.90 -7.99 -2.05
C ILE A 293 13.38 -8.96 -0.99
N VAL A 294 12.48 -9.75 -0.39
CA VAL A 294 12.87 -10.60 0.72
C VAL A 294 13.53 -11.90 0.23
N MET A 295 12.98 -12.53 -0.83
CA MET A 295 13.39 -13.88 -1.20
C MET A 295 14.34 -13.94 -2.40
N LYS A 296 14.52 -12.86 -3.13
CA LYS A 296 15.26 -12.97 -4.38
C LYS A 296 16.41 -11.99 -4.40
N PRO A 297 17.44 -12.24 -5.21
CA PRO A 297 18.54 -11.28 -5.30
C PRO A 297 18.12 -10.06 -6.08
N ASN A 298 18.60 -8.89 -5.65
CA ASN A 298 18.34 -7.63 -6.32
C ASN A 298 19.64 -6.85 -6.43
N LYS A 299 19.94 -6.38 -7.64
CA LYS A 299 21.11 -5.54 -7.82
C LYS A 299 20.95 -4.27 -7.00
N VAL A 300 21.99 -3.95 -6.22
CA VAL A 300 21.97 -2.69 -5.47
C VAL A 300 22.38 -1.54 -6.37
N THR A 301 21.98 -0.34 -5.97
N THR A 301 21.94 -0.34 -6.01
CA THR A 301 22.25 0.87 -6.73
CA THR A 301 22.31 0.86 -6.74
C THR A 301 22.66 1.98 -5.76
C THR A 301 22.71 1.95 -5.75
N ALA A 302 23.44 2.93 -6.26
CA ALA A 302 23.82 4.07 -5.44
C ALA A 302 22.56 4.80 -4.96
N ILE A 303 22.63 5.35 -3.76
CA ILE A 303 21.52 6.15 -3.26
C ILE A 303 21.43 7.44 -4.07
N SER A 304 20.31 7.65 -4.75
CA SER A 304 20.11 8.84 -5.57
C SER A 304 19.49 9.97 -4.74
N LYS A 305 18.30 9.73 -4.20
CA LYS A 305 17.71 10.64 -3.22
C LYS A 305 18.16 10.20 -1.83
N GLU A 306 18.97 11.03 -1.17
CA GLU A 306 19.36 10.73 0.20
C GLU A 306 18.50 11.56 1.14
N PRO A 307 17.45 11.00 1.70
CA PRO A 307 16.52 11.83 2.49
C PRO A 307 17.16 12.32 3.77
N SER A 308 16.86 13.55 4.14
CA SER A 308 17.18 14.05 5.47
C SER A 308 16.06 13.79 6.45
N VAL A 309 14.82 13.69 5.97
CA VAL A 309 13.68 13.33 6.79
C VAL A 309 13.37 11.88 6.48
N LYS A 310 13.62 10.98 7.45
CA LYS A 310 13.59 9.55 7.19
C LYS A 310 12.65 8.86 8.14
N MET A 311 12.31 7.63 7.79
CA MET A 311 11.71 6.69 8.73
C MET A 311 12.37 5.34 8.54
N TYR A 312 12.22 4.47 9.54
CA TYR A 312 12.90 3.19 9.54
C TYR A 312 11.94 2.15 10.09
N HIS A 313 12.13 0.91 9.66
CA HIS A 313 11.33 -0.17 10.22
C HIS A 313 12.06 -1.48 10.04
N LYS A 314 11.49 -2.53 10.64
CA LYS A 314 11.97 -3.89 10.44
C LYS A 314 10.87 -4.83 10.91
N THR A 315 10.53 -5.78 10.06
CA THR A 315 9.68 -6.91 10.48
C THR A 315 10.55 -8.04 11.03
N GLY A 316 9.93 -8.88 11.85
CA GLY A 316 10.62 -10.06 12.33
C GLY A 316 9.65 -11.19 12.59
N SER A 317 10.06 -12.42 12.29
CA SER A 317 9.23 -13.58 12.54
C SER A 317 10.07 -14.75 13.04
N THR A 318 9.44 -15.58 13.85
CA THR A 318 9.83 -16.96 14.06
C THR A 318 8.62 -17.82 13.74
N THR A 319 8.78 -19.14 13.80
CA THR A 319 7.65 -20.01 13.48
C THR A 319 6.43 -19.60 14.30
N GLY A 320 6.64 -19.16 15.54
CA GLY A 320 5.54 -18.87 16.44
C GLY A 320 5.27 -17.41 16.81
N PHE A 321 6.05 -16.47 16.28
CA PHE A 321 5.93 -15.07 16.71
C PHE A 321 6.03 -14.12 15.52
N GLY A 322 5.41 -12.96 15.67
CA GLY A 322 5.55 -11.89 14.71
C GLY A 322 5.93 -10.61 15.41
N THR A 323 6.75 -9.80 14.73
CA THR A 323 7.22 -8.54 15.29
C THR A 323 7.20 -7.49 14.19
N TYR A 324 6.99 -6.24 14.58
CA TYR A 324 7.18 -5.10 13.69
C TYR A 324 7.56 -3.90 14.54
N VAL A 325 8.61 -3.20 14.13
CA VAL A 325 9.01 -1.96 14.77
C VAL A 325 9.24 -0.92 13.69
N VAL A 326 8.91 0.33 14.00
CA VAL A 326 8.97 1.44 13.04
C VAL A 326 9.08 2.74 13.84
N PHE A 327 9.88 3.68 13.35
CA PHE A 327 9.95 4.98 14.00
C PHE A 327 10.28 6.07 12.99
N ILE A 328 9.95 7.30 13.37
CA ILE A 328 10.08 8.46 12.49
C ILE A 328 10.68 9.61 13.31
N PRO A 329 12.00 9.82 13.25
CA PRO A 329 12.60 10.84 14.12
C PRO A 329 11.96 12.23 14.01
N LYS A 330 11.70 12.72 12.80
CA LYS A 330 11.18 14.07 12.66
C LYS A 330 9.80 14.23 13.30
N GLU A 331 9.05 13.13 13.43
CA GLU A 331 7.76 13.15 14.11
C GLU A 331 7.89 12.73 15.57
N ASN A 332 9.09 12.34 16.01
N ASN A 332 9.07 12.31 16.02
CA ASN A 332 9.35 11.87 17.37
CA ASN A 332 9.30 11.92 17.41
C ASN A 332 8.30 10.85 17.80
C ASN A 332 8.35 10.80 17.84
N ILE A 333 8.08 9.86 16.93
CA ILE A 333 7.07 8.84 17.17
C ILE A 333 7.59 7.49 16.69
N GLY A 334 7.10 6.43 17.34
CA GLY A 334 7.45 5.07 16.96
C GLY A 334 6.38 4.14 17.48
N LEU A 335 6.42 2.91 16.98
CA LEU A 335 5.44 1.90 17.34
C LEU A 335 6.10 0.53 17.32
N VAL A 336 5.65 -0.33 18.22
CA VAL A 336 6.11 -1.71 18.33
C VAL A 336 4.89 -2.61 18.33
N MET A 337 4.92 -3.67 17.52
CA MET A 337 3.91 -4.72 17.55
C MET A 337 4.58 -6.06 17.86
N LEU A 338 4.08 -6.76 18.86
CA LEU A 338 4.55 -8.12 19.16
C LEU A 338 3.33 -9.03 19.22
N THR A 339 3.41 -10.18 18.54
CA THR A 339 2.35 -11.20 18.58
C THR A 339 2.98 -12.56 18.79
N ASN A 340 2.31 -13.43 19.56
CA ASN A 340 2.76 -14.82 19.64
C ASN A 340 2.03 -15.71 18.63
N LYS A 341 1.77 -15.16 17.45
CA LYS A 341 1.45 -15.92 16.25
C LYS A 341 1.91 -15.10 15.05
N ARG A 342 2.54 -15.78 14.10
CA ARG A 342 2.94 -15.13 12.86
C ARG A 342 1.70 -14.68 12.10
N ILE A 343 1.60 -13.40 11.77
CA ILE A 343 0.57 -12.91 10.86
C ILE A 343 1.26 -12.27 9.67
N PRO A 344 0.57 -12.14 8.54
CA PRO A 344 1.24 -11.61 7.33
C PRO A 344 1.94 -10.28 7.61
N ASN A 345 3.16 -10.16 7.08
CA ASN A 345 3.90 -8.91 7.24
C ASN A 345 3.08 -7.71 6.79
N GLU A 346 2.31 -7.89 5.71
CA GLU A 346 1.55 -6.79 5.15
C GLU A 346 0.53 -6.26 6.15
N GLU A 347 -0.07 -7.15 6.96
CA GLU A 347 -1.07 -6.71 7.93
C GLU A 347 -0.43 -5.92 9.08
N ARG A 348 0.74 -6.35 9.55
CA ARG A 348 1.49 -5.58 10.53
C ARG A 348 1.77 -4.17 10.03
N ILE A 349 2.35 -4.08 8.82
CA ILE A 349 2.73 -2.78 8.28
C ILE A 349 1.51 -1.89 8.06
N LYS A 350 0.42 -2.45 7.53
CA LYS A 350 -0.78 -1.66 7.26
C LYS A 350 -1.40 -1.13 8.54
N ALA A 351 -1.52 -1.97 9.56
CA ALA A 351 -2.11 -1.52 10.81
C ALA A 351 -1.25 -0.45 11.47
N ALA A 352 0.07 -0.65 11.49
CA ALA A 352 0.98 0.36 12.03
C ALA A 352 0.86 1.68 11.26
N TYR A 353 0.85 1.60 9.94
CA TYR A 353 0.72 2.80 9.12
C TYR A 353 -0.56 3.55 9.46
N ALA A 354 -1.68 2.84 9.57
CA ALA A 354 -2.95 3.49 9.90
C ALA A 354 -2.89 4.21 11.23
N VAL A 355 -2.24 3.61 12.25
CA VAL A 355 -2.19 4.21 13.57
C VAL A 355 -1.28 5.45 13.57
N LEU A 356 -0.07 5.32 13.03
CA LEU A 356 0.89 6.42 13.08
C LEU A 356 0.39 7.63 12.29
N ASN A 357 -0.28 7.41 11.16
CA ASN A 357 -0.75 8.53 10.37
C ASN A 357 -2.02 9.17 10.91
N ALA A 358 -2.71 8.52 11.85
CA ALA A 358 -3.89 9.12 12.46
C ALA A 358 -3.61 9.72 13.82
N ILE A 359 -2.42 9.51 14.38
CA ILE A 359 -2.13 9.96 15.74
C ILE A 359 -1.98 11.48 15.77
N LYS A 360 -2.52 12.09 16.82
CA LYS A 360 -2.45 13.53 17.04
C LYS A 360 -3.50 14.25 16.18
N THR B 4 -3.04 -0.70 -41.07
CA THR B 4 -1.58 -0.66 -41.06
C THR B 4 -1.05 0.78 -41.19
N PRO B 5 -1.45 1.48 -42.25
CA PRO B 5 -1.00 2.88 -42.37
C PRO B 5 -1.62 3.77 -41.32
N LYS B 6 -2.89 3.56 -40.99
CA LYS B 6 -3.52 4.31 -39.90
C LYS B 6 -2.82 4.01 -38.57
N ASP B 7 -2.30 2.80 -38.39
CA ASP B 7 -1.59 2.46 -37.16
C ASP B 7 -0.45 3.43 -36.90
N GLN B 8 0.42 3.63 -37.90
CA GLN B 8 1.55 4.54 -37.73
C GLN B 8 1.09 5.98 -37.62
N GLU B 9 0.04 6.35 -38.36
CA GLU B 9 -0.49 7.71 -38.29
C GLU B 9 -0.94 8.04 -36.87
N ILE B 10 -1.81 7.21 -36.29
CA ILE B 10 -2.34 7.51 -34.96
C ILE B 10 -1.27 7.35 -33.89
N LYS B 11 -0.36 6.39 -34.06
CA LYS B 11 0.78 6.28 -33.16
C LYS B 11 1.56 7.59 -33.12
N LYS B 12 1.83 8.18 -34.30
CA LYS B 12 2.56 9.44 -34.35
C LYS B 12 1.80 10.55 -33.62
N LEU B 13 0.49 10.63 -33.84
CA LEU B 13 -0.30 11.68 -33.19
C LEU B 13 -0.29 11.52 -31.67
N VAL B 14 -0.49 10.28 -31.20
CA VAL B 14 -0.45 10.04 -29.77
C VAL B 14 0.94 10.28 -29.24
N ASP B 15 1.97 9.85 -29.98
CA ASP B 15 3.34 10.11 -29.56
C ASP B 15 3.59 11.61 -29.45
N GLN B 16 2.99 12.40 -30.33
CA GLN B 16 3.31 13.82 -30.35
C GLN B 16 2.58 14.58 -29.26
N ASN B 17 1.43 14.10 -28.81
CA ASN B 17 0.62 14.82 -27.85
C ASN B 17 0.62 14.23 -26.45
N PHE B 18 0.81 12.92 -26.32
CA PHE B 18 0.79 12.27 -25.01
C PHE B 18 2.16 11.88 -24.50
N LYS B 19 3.02 11.32 -25.37
CA LYS B 19 4.36 10.92 -24.92
C LYS B 19 5.11 12.04 -24.22
N PRO B 20 5.05 13.31 -24.65
CA PRO B 20 5.79 14.36 -23.92
C PRO B 20 5.38 14.47 -22.46
N LEU B 21 4.15 14.08 -22.14
CA LEU B 21 3.69 14.13 -20.75
C LEU B 21 4.47 13.18 -19.85
N LEU B 22 5.02 12.10 -20.41
CA LEU B 22 5.84 11.18 -19.62
C LEU B 22 7.02 11.91 -18.99
N GLU B 23 7.79 12.64 -19.81
CA GLU B 23 8.93 13.38 -19.27
C GLU B 23 8.45 14.60 -18.47
N LYS B 24 7.42 15.29 -18.95
CA LYS B 24 7.00 16.51 -18.28
C LYS B 24 6.59 16.26 -16.84
N TYR B 25 5.94 15.12 -16.57
CA TYR B 25 5.45 14.83 -15.23
C TYR B 25 6.07 13.56 -14.64
N ASP B 26 7.13 13.05 -15.25
CA ASP B 26 7.84 11.89 -14.71
C ASP B 26 6.87 10.74 -14.43
N VAL B 27 6.08 10.40 -15.45
CA VAL B 27 5.09 9.33 -15.39
C VAL B 27 5.78 8.01 -15.72
N PRO B 28 5.70 7.00 -14.85
CA PRO B 28 6.39 5.74 -15.17
C PRO B 28 5.74 4.98 -16.32
N GLY B 29 4.42 4.96 -16.42
CA GLY B 29 3.75 4.16 -17.43
C GLY B 29 2.45 4.78 -17.91
N MET B 30 2.12 4.53 -19.18
CA MET B 30 0.92 5.10 -19.76
C MET B 30 0.38 4.17 -20.83
N ALA B 31 -0.96 4.09 -20.89
CA ALA B 31 -1.66 3.45 -21.99
C ALA B 31 -2.61 4.46 -22.60
N VAL B 32 -2.56 4.61 -23.92
CA VAL B 32 -3.48 5.46 -24.66
C VAL B 32 -4.10 4.64 -25.76
N GLY B 33 -5.42 4.69 -25.86
CA GLY B 33 -6.12 4.00 -26.92
C GLY B 33 -7.03 4.95 -27.67
N VAL B 34 -7.16 4.71 -28.97
CA VAL B 34 -8.03 5.49 -29.85
C VAL B 34 -8.90 4.51 -30.61
N ILE B 35 -10.18 4.84 -30.73
CA ILE B 35 -11.09 4.09 -31.57
C ILE B 35 -11.62 5.04 -32.64
N GLN B 36 -11.63 4.58 -33.89
CA GLN B 36 -12.16 5.36 -35.00
C GLN B 36 -12.79 4.38 -35.96
N ASN B 37 -14.08 4.53 -36.22
CA ASN B 37 -14.81 3.67 -37.15
C ASN B 37 -14.60 2.19 -36.81
N ASN B 38 -14.86 1.86 -35.55
CA ASN B 38 -14.82 0.47 -35.07
C ASN B 38 -13.44 -0.16 -35.16
N LYS B 39 -12.41 0.61 -35.51
CA LYS B 39 -11.03 0.15 -35.44
C LYS B 39 -10.38 0.70 -34.18
N LYS B 40 -9.61 -0.15 -33.49
CA LYS B 40 -9.00 0.19 -32.22
C LYS B 40 -7.49 0.28 -32.36
N TYR B 41 -6.90 1.23 -31.65
CA TYR B 41 -5.46 1.48 -31.66
C TYR B 41 -4.97 1.62 -30.24
N GLU B 42 -3.93 0.86 -29.87
CA GLU B 42 -3.42 0.79 -28.51
C GLU B 42 -1.94 1.15 -28.51
N MET B 43 -1.57 2.13 -27.70
N MET B 43 -1.59 2.17 -27.73
CA MET B 43 -0.18 2.57 -27.60
CA MET B 43 -0.20 2.59 -27.58
C MET B 43 0.25 2.53 -26.14
C MET B 43 0.18 2.45 -26.12
N TYR B 44 1.24 1.70 -25.84
CA TYR B 44 1.68 1.43 -24.47
C TYR B 44 3.07 2.02 -24.25
N TYR B 45 3.24 2.68 -23.10
CA TYR B 45 4.47 3.40 -22.78
C TYR B 45 4.99 3.00 -21.41
N GLY B 46 6.28 2.75 -21.32
CA GLY B 46 6.92 2.67 -20.00
C GLY B 46 6.49 1.46 -19.17
N LEU B 47 6.40 1.69 -17.85
CA LEU B 47 6.44 0.62 -16.86
C LEU B 47 5.15 0.55 -16.07
N GLN B 48 4.62 -0.67 -15.92
CA GLN B 48 3.48 -0.87 -15.02
C GLN B 48 3.92 -0.97 -13.56
N SER B 49 5.13 -1.48 -13.32
CA SER B 49 5.70 -1.59 -11.98
C SER B 49 7.21 -1.36 -12.06
N VAL B 50 7.70 -0.36 -11.34
CA VAL B 50 9.14 -0.11 -11.28
C VAL B 50 9.84 -1.25 -10.55
N GLN B 51 9.34 -1.63 -9.37
CA GLN B 51 10.01 -2.66 -8.58
C GLN B 51 10.11 -3.96 -9.35
N ASP B 52 9.02 -4.40 -9.95
CA ASP B 52 8.98 -5.68 -10.65
C ASP B 52 9.45 -5.57 -12.08
N LYS B 53 9.88 -4.39 -12.51
CA LYS B 53 10.43 -4.17 -13.86
C LYS B 53 9.51 -4.72 -14.94
N LYS B 54 8.22 -4.39 -14.84
CA LYS B 54 7.22 -4.88 -15.78
C LYS B 54 6.76 -3.73 -16.66
N ALA B 55 6.75 -3.96 -17.97
CA ALA B 55 6.30 -2.94 -18.92
C ALA B 55 4.77 -2.91 -19.02
N VAL B 56 4.24 -1.71 -19.23
CA VAL B 56 2.81 -1.56 -19.52
C VAL B 56 2.50 -2.29 -20.81
N ASN B 57 1.44 -3.09 -20.78
CA ASN B 57 1.01 -3.81 -21.98
C ASN B 57 -0.50 -3.99 -21.94
N SER B 58 -1.03 -4.77 -22.90
CA SER B 58 -2.47 -4.92 -23.03
C SER B 58 -3.10 -5.60 -21.81
N SER B 59 -2.30 -6.28 -20.99
CA SER B 59 -2.83 -6.93 -19.79
C SER B 59 -2.75 -6.05 -18.55
N THR B 60 -2.10 -4.90 -18.63
CA THR B 60 -1.90 -4.05 -17.46
C THR B 60 -3.22 -3.50 -16.94
N ILE B 61 -3.45 -3.66 -15.65
CA ILE B 61 -4.65 -3.20 -14.98
C ILE B 61 -4.35 -1.88 -14.29
N PHE B 62 -5.15 -0.85 -14.57
CA PHE B 62 -5.01 0.48 -13.97
C PHE B 62 -6.19 0.77 -13.06
N GLU B 63 -5.95 1.64 -12.07
CA GLU B 63 -7.03 2.18 -11.25
C GLU B 63 -7.74 3.29 -12.00
N LEU B 64 -9.05 3.15 -12.20
CA LEU B 64 -9.86 4.12 -12.94
C LEU B 64 -10.26 5.34 -12.11
N GLY B 65 -10.07 5.33 -10.80
CA GLY B 65 -10.56 6.44 -10.01
C GLY B 65 -12.03 6.72 -10.30
N SER B 66 -12.36 8.01 -10.45
CA SER B 66 -13.75 8.43 -10.61
C SER B 66 -14.39 7.90 -11.89
N VAL B 67 -13.60 7.46 -12.87
CA VAL B 67 -14.22 6.84 -14.02
C VAL B 67 -15.00 5.60 -13.61
N SER B 68 -14.69 5.02 -12.44
CA SER B 68 -15.55 3.98 -11.87
C SER B 68 -17.01 4.40 -11.86
N LYS B 69 -17.28 5.69 -11.64
CA LYS B 69 -18.67 6.15 -11.59
C LYS B 69 -19.42 5.84 -12.87
N LEU B 70 -18.71 5.77 -14.00
CA LEU B 70 -19.37 5.46 -15.27
C LEU B 70 -19.96 4.06 -15.25
N PHE B 71 -19.25 3.11 -14.64
CA PHE B 71 -19.76 1.74 -14.55
C PHE B 71 -20.89 1.66 -13.54
N THR B 72 -20.80 2.40 -12.43
CA THR B 72 -21.93 2.50 -11.51
C THR B 72 -23.16 3.00 -12.25
N ALA B 73 -23.03 4.13 -12.95
CA ALA B 73 -24.15 4.67 -13.70
C ALA B 73 -24.73 3.64 -14.66
N THR B 74 -23.86 2.92 -15.38
CA THR B 74 -24.33 1.88 -16.29
C THR B 74 -25.10 0.81 -15.55
N ALA B 75 -24.58 0.36 -14.40
CA ALA B 75 -25.33 -0.59 -13.59
C ALA B 75 -26.67 0.01 -13.15
N GLY B 76 -26.66 1.29 -12.80
CA GLY B 76 -27.90 1.99 -12.52
C GLY B 76 -28.90 1.85 -13.66
N GLY B 77 -28.54 2.35 -14.83
CA GLY B 77 -29.43 2.24 -15.98
C GLY B 77 -29.87 0.82 -16.24
N TYR B 78 -28.99 -0.15 -16.00
CA TYR B 78 -29.34 -1.55 -16.20
C TYR B 78 -30.50 -1.96 -15.31
N ALA B 79 -30.39 -1.69 -14.00
CA ALA B 79 -31.46 -2.05 -13.07
C ALA B 79 -32.75 -1.31 -13.38
N LYS B 80 -32.64 -0.03 -13.77
CA LYS B 80 -33.84 0.75 -14.06
C LYS B 80 -34.63 0.14 -15.21
N ASN B 81 -33.95 -0.19 -16.31
CA ASN B 81 -34.65 -0.75 -17.46
C ASN B 81 -35.07 -2.19 -17.21
N LYS B 82 -34.37 -2.91 -16.34
CA LYS B 82 -34.79 -4.25 -15.95
C LYS B 82 -35.93 -4.23 -14.94
N GLY B 83 -36.45 -3.05 -14.59
CA GLY B 83 -37.52 -2.94 -13.63
C GLY B 83 -37.11 -3.17 -12.18
N LYS B 84 -35.90 -3.68 -11.93
CA LYS B 84 -35.45 -3.92 -10.56
C LYS B 84 -35.45 -2.64 -9.74
N ILE B 85 -35.38 -1.49 -10.38
CA ILE B 85 -35.36 -0.20 -9.70
C ILE B 85 -36.00 0.83 -10.61
N SER B 86 -36.25 2.01 -10.05
CA SER B 86 -36.70 3.17 -10.81
C SER B 86 -36.22 4.40 -10.08
N PHE B 87 -35.70 5.38 -10.83
CA PHE B 87 -35.39 6.65 -10.20
C PHE B 87 -36.65 7.21 -9.56
N ASP B 88 -36.48 8.25 -8.74
CA ASP B 88 -37.60 8.82 -8.01
C ASP B 88 -37.93 7.93 -6.82
N ASP B 89 -37.37 6.72 -6.79
CA ASP B 89 -37.40 5.89 -5.59
C ASP B 89 -36.41 6.43 -4.56
N THR B 90 -36.62 6.04 -3.30
CA THR B 90 -35.72 6.49 -2.25
C THR B 90 -34.91 5.32 -1.73
N PRO B 91 -33.71 5.58 -1.19
CA PRO B 91 -32.84 4.47 -0.78
C PRO B 91 -33.46 3.57 0.28
N GLY B 92 -34.32 4.10 1.15
CA GLY B 92 -34.96 3.29 2.16
C GLY B 92 -35.85 2.20 1.61
N LYS B 93 -36.17 2.22 0.32
CA LYS B 93 -37.02 1.18 -0.26
C LYS B 93 -36.25 -0.13 -0.46
N TYR B 94 -34.94 -0.05 -0.62
CA TYR B 94 -34.08 -1.22 -0.83
C TYR B 94 -33.14 -1.48 0.32
N TRP B 95 -32.71 -0.45 1.04
CA TRP B 95 -31.91 -0.59 2.25
C TRP B 95 -32.85 -0.34 3.43
N LYS B 96 -33.42 -1.43 3.96
CA LYS B 96 -34.51 -1.30 4.91
C LYS B 96 -34.14 -0.46 6.12
N GLU B 97 -32.86 -0.50 6.53
CA GLU B 97 -32.43 0.23 7.72
C GLU B 97 -32.57 1.74 7.58
N LEU B 98 -32.76 2.25 6.37
CA LEU B 98 -32.84 3.69 6.14
C LEU B 98 -34.26 4.22 6.13
N LYS B 99 -35.27 3.34 6.19
CA LYS B 99 -36.65 3.80 6.25
C LYS B 99 -36.89 4.59 7.53
N ASN B 100 -37.72 5.64 7.42
CA ASN B 100 -37.98 6.59 8.50
C ASN B 100 -36.76 7.44 8.84
N THR B 101 -35.84 7.63 7.89
CA THR B 101 -34.69 8.50 8.04
C THR B 101 -34.80 9.68 7.09
N PRO B 102 -34.20 10.83 7.44
CA PRO B 102 -34.25 11.98 6.51
C PRO B 102 -33.66 11.67 5.15
N ILE B 103 -32.57 10.89 5.10
CA ILE B 103 -31.96 10.53 3.82
C ILE B 103 -32.97 9.88 2.89
N ASP B 104 -33.98 9.22 3.45
CA ASP B 104 -34.97 8.53 2.64
C ASP B 104 -35.91 9.48 1.92
N GLN B 105 -35.73 10.79 2.06
CA GLN B 105 -36.44 11.77 1.24
C GLN B 105 -35.74 12.03 -0.08
N VAL B 106 -34.52 11.52 -0.26
CA VAL B 106 -33.76 11.74 -1.48
C VAL B 106 -34.00 10.59 -2.45
N ASN B 107 -34.20 10.92 -3.72
CA ASN B 107 -34.45 9.92 -4.75
C ASN B 107 -33.13 9.38 -5.29
N LEU B 108 -33.22 8.24 -5.99
CA LEU B 108 -32.01 7.61 -6.51
C LEU B 108 -31.34 8.47 -7.58
N LEU B 109 -32.12 9.05 -8.49
CA LEU B 109 -31.54 9.92 -9.49
C LEU B 109 -30.79 11.08 -8.85
N GLN B 110 -31.33 11.62 -7.75
CA GLN B 110 -30.63 12.70 -7.05
C GLN B 110 -29.31 12.20 -6.46
N LEU B 111 -29.32 11.02 -5.85
CA LEU B 111 -28.09 10.45 -5.32
C LEU B 111 -27.07 10.24 -6.44
N ALA B 112 -27.51 9.71 -7.57
CA ALA B 112 -26.58 9.44 -8.66
C ALA B 112 -25.97 10.73 -9.22
N THR B 113 -26.71 11.83 -9.24
CA THR B 113 -26.24 13.07 -9.84
C THR B 113 -25.87 14.13 -8.81
N TYR B 114 -25.63 13.73 -7.56
CA TYR B 114 -25.03 14.60 -6.54
C TYR B 114 -25.92 15.79 -6.21
N THR B 115 -27.23 15.56 -6.16
CA THR B 115 -28.18 16.63 -5.86
C THR B 115 -28.97 16.33 -4.59
N SER B 116 -28.32 15.72 -3.60
CA SER B 116 -29.02 15.45 -2.34
C SER B 116 -29.16 16.72 -1.51
N GLY B 117 -28.27 17.69 -1.71
CA GLY B 117 -28.30 18.92 -0.95
C GLY B 117 -27.46 18.92 0.30
N ASN B 118 -26.81 17.80 0.63
CA ASN B 118 -26.01 17.72 1.85
C ASN B 118 -25.11 16.48 1.86
N LEU B 119 -24.33 16.29 0.79
CA LEU B 119 -23.30 15.25 0.76
C LEU B 119 -22.09 15.82 0.05
N ALA B 120 -20.95 15.80 0.73
CA ALA B 120 -19.72 16.38 0.22
C ALA B 120 -18.92 15.35 -0.58
N LEU B 121 -17.72 15.75 -1.02
CA LEU B 121 -16.92 14.91 -1.90
C LEU B 121 -16.55 13.59 -1.25
N GLN B 122 -16.16 13.61 0.03
CA GLN B 122 -15.70 12.42 0.73
C GLN B 122 -16.50 12.21 2.01
N PHE B 123 -16.66 10.95 2.39
CA PHE B 123 -17.15 10.61 3.73
C PHE B 123 -16.30 11.35 4.75
N PRO B 124 -16.86 11.72 5.90
CA PRO B 124 -16.01 12.16 7.01
C PRO B 124 -14.97 11.09 7.32
N ASP B 125 -13.80 11.54 7.75
CA ASP B 125 -12.69 10.61 7.99
C ASP B 125 -13.09 9.48 8.95
N GLU B 126 -13.94 9.78 9.94
CA GLU B 126 -14.25 8.79 10.96
C GLU B 126 -15.13 7.66 10.45
N VAL B 127 -15.73 7.78 9.27
CA VAL B 127 -16.61 6.75 8.73
C VAL B 127 -15.75 5.75 7.96
N LYS B 128 -15.61 4.56 8.50
CA LYS B 128 -14.75 3.57 7.85
C LYS B 128 -15.40 2.21 7.71
N THR B 129 -16.15 1.76 8.72
CA THR B 129 -16.73 0.43 8.69
C THR B 129 -18.15 0.46 8.12
N ASP B 130 -18.62 -0.72 7.70
CA ASP B 130 -19.99 -0.85 7.22
C ASP B 130 -20.98 -0.22 8.20
N GLN B 131 -20.86 -0.55 9.48
CA GLN B 131 -21.79 -0.01 10.48
C GLN B 131 -21.70 1.51 10.55
N GLN B 132 -20.48 2.05 10.53
CA GLN B 132 -20.32 3.50 10.53
C GLN B 132 -20.97 4.13 9.30
N VAL B 133 -20.88 3.46 8.15
CA VAL B 133 -21.55 3.94 6.95
C VAL B 133 -23.06 3.97 7.15
N LEU B 134 -23.62 2.87 7.67
CA LEU B 134 -25.04 2.84 7.98
C LEU B 134 -25.41 3.94 8.96
N THR B 135 -24.65 4.06 10.05
CA THR B 135 -24.92 5.11 11.02
C THR B 135 -24.84 6.48 10.39
N PHE B 136 -23.87 6.69 9.49
CA PHE B 136 -23.73 7.98 8.81
C PHE B 136 -25.03 8.38 8.13
N PHE B 137 -25.56 7.49 7.28
CA PHE B 137 -26.77 7.84 6.55
C PHE B 137 -27.99 7.89 7.46
N LYS B 138 -28.00 7.10 8.54
CA LYS B 138 -29.10 7.19 9.50
C LYS B 138 -29.11 8.54 10.21
N ASP B 139 -27.93 9.06 10.56
CA ASP B 139 -27.83 10.37 11.18
C ASP B 139 -27.93 11.52 10.19
N TRP B 140 -28.02 11.21 8.89
CA TRP B 140 -28.02 12.26 7.88
C TRP B 140 -29.33 13.05 7.92
N LYS B 141 -29.20 14.36 7.72
CA LYS B 141 -30.35 15.27 7.73
C LYS B 141 -30.28 16.17 6.52
N PRO B 142 -31.44 16.54 5.95
CA PRO B 142 -31.44 17.39 4.75
C PRO B 142 -30.80 18.74 5.02
N LYS B 143 -30.35 19.37 3.94
CA LYS B 143 -29.84 20.73 4.01
C LYS B 143 -30.42 21.56 2.86
N ASN B 144 -29.66 21.70 1.78
CA ASN B 144 -30.17 22.41 0.62
C ASN B 144 -31.32 21.63 -0.02
N SER B 145 -32.12 22.35 -0.81
CA SER B 145 -33.30 21.76 -1.43
C SER B 145 -32.91 20.52 -2.24
N ILE B 146 -33.51 19.38 -1.87
CA ILE B 146 -33.16 18.12 -2.50
C ILE B 146 -33.48 18.18 -3.99
N GLY B 147 -32.51 17.80 -4.82
CA GLY B 147 -32.69 17.72 -6.24
C GLY B 147 -32.38 18.98 -7.01
N GLU B 148 -32.11 20.09 -6.33
CA GLU B 148 -31.90 21.36 -7.02
C GLU B 148 -30.44 21.75 -7.16
N TYR B 149 -29.52 21.14 -6.41
CA TYR B 149 -28.15 21.58 -6.36
C TYR B 149 -27.18 20.42 -6.54
N ARG B 150 -26.17 20.64 -7.37
CA ARG B 150 -25.13 19.65 -7.64
C ARG B 150 -23.92 19.91 -6.77
N GLN B 151 -23.47 18.89 -6.06
CA GLN B 151 -22.19 18.91 -5.35
C GLN B 151 -21.56 17.53 -5.51
N TYR B 152 -20.56 17.44 -6.37
CA TYR B 152 -19.83 16.21 -6.64
C TYR B 152 -19.52 15.46 -5.36
N SER B 153 -19.97 14.20 -5.26
CA SER B 153 -19.91 13.50 -3.98
C SER B 153 -19.71 12.00 -4.18
N ASN B 154 -18.62 11.47 -3.60
CA ASN B 154 -18.44 10.01 -3.58
C ASN B 154 -19.48 9.34 -2.69
N PRO B 155 -19.76 9.83 -1.48
CA PRO B 155 -20.81 9.19 -0.67
C PRO B 155 -22.14 9.14 -1.39
N SER B 156 -22.47 10.14 -2.20
CA SER B 156 -23.77 10.19 -2.85
C SER B 156 -23.93 9.04 -3.83
N ILE B 157 -23.01 8.93 -4.79
CA ILE B 157 -23.14 7.87 -5.78
C ILE B 157 -22.79 6.51 -5.19
N GLY B 158 -21.99 6.47 -4.12
CA GLY B 158 -21.75 5.21 -3.44
C GLY B 158 -23.03 4.60 -2.88
N LEU B 159 -23.84 5.43 -2.22
CA LEU B 159 -25.13 4.95 -1.75
C LEU B 159 -26.01 4.53 -2.92
N PHE B 160 -25.98 5.29 -4.01
CA PHE B 160 -26.72 4.90 -5.21
C PHE B 160 -26.26 3.54 -5.71
N GLY B 161 -24.96 3.32 -5.80
CA GLY B 161 -24.46 2.02 -6.21
C GLY B 161 -24.89 0.91 -5.26
N LYS B 162 -24.80 1.16 -3.95
CA LYS B 162 -25.19 0.12 -3.00
C LYS B 162 -26.67 -0.20 -3.10
N VAL B 163 -27.50 0.84 -3.30
CA VAL B 163 -28.93 0.61 -3.50
C VAL B 163 -29.16 -0.20 -4.77
N VAL B 164 -28.43 0.12 -5.84
CA VAL B 164 -28.55 -0.64 -7.08
C VAL B 164 -28.26 -2.11 -6.83
N ALA B 165 -27.13 -2.40 -6.16
CA ALA B 165 -26.76 -3.78 -5.88
C ALA B 165 -27.84 -4.49 -5.07
N LEU B 166 -28.42 -3.78 -4.08
CA LEU B 166 -29.51 -4.36 -3.31
C LEU B 166 -30.67 -4.76 -4.21
N SER B 167 -31.05 -3.88 -5.15
CA SER B 167 -32.16 -4.19 -6.03
C SER B 167 -31.88 -5.40 -6.92
N MET B 168 -30.62 -5.76 -7.11
CA MET B 168 -30.25 -6.91 -7.91
C MET B 168 -29.85 -8.10 -7.05
N ASN B 169 -30.12 -8.04 -5.75
CA ASN B 169 -29.88 -9.16 -4.83
C ASN B 169 -28.43 -9.64 -4.85
N LYS B 170 -27.50 -8.74 -5.16
CA LYS B 170 -26.08 -9.06 -5.24
C LYS B 170 -25.26 -7.97 -4.57
N PRO B 171 -24.11 -8.32 -3.99
CA PRO B 171 -23.15 -7.29 -3.59
C PRO B 171 -22.68 -6.52 -4.81
N PHE B 172 -22.22 -5.29 -4.58
CA PHE B 172 -21.89 -4.42 -5.70
C PHE B 172 -20.76 -5.00 -6.56
N ASP B 173 -19.72 -5.55 -5.94
CA ASP B 173 -18.65 -6.14 -6.73
C ASP B 173 -19.18 -7.23 -7.64
N GLN B 174 -20.20 -7.97 -7.18
CA GLN B 174 -20.79 -9.02 -7.99
C GLN B 174 -21.59 -8.46 -9.14
N VAL B 175 -22.36 -7.38 -8.89
CA VAL B 175 -23.14 -6.75 -9.95
C VAL B 175 -22.24 -6.40 -11.14
N LEU B 176 -21.12 -5.74 -10.87
CA LEU B 176 -20.21 -5.36 -11.95
C LEU B 176 -19.50 -6.58 -12.53
N GLU B 177 -18.87 -7.37 -11.68
CA GLU B 177 -18.01 -8.45 -12.17
C GLU B 177 -18.82 -9.62 -12.75
N LYS B 178 -20.02 -9.88 -12.23
CA LYS B 178 -20.80 -11.02 -12.66
C LYS B 178 -21.96 -10.66 -13.59
N THR B 179 -22.23 -9.38 -13.81
CA THR B 179 -23.31 -9.00 -14.71
C THR B 179 -22.90 -7.92 -15.70
N ILE B 180 -22.47 -6.75 -15.22
CA ILE B 180 -22.29 -5.59 -16.10
C ILE B 180 -21.08 -5.78 -17.01
N PHE B 181 -19.90 -6.00 -16.43
CA PHE B 181 -18.71 -6.23 -17.23
C PHE B 181 -18.91 -7.32 -18.29
N PRO B 182 -19.44 -8.49 -17.96
CA PRO B 182 -19.73 -9.48 -19.03
C PRO B 182 -20.69 -8.97 -20.08
N ALA B 183 -21.72 -8.22 -19.67
CA ALA B 183 -22.67 -7.71 -20.65
C ALA B 183 -22.01 -6.74 -21.64
N LEU B 184 -20.99 -6.03 -21.20
CA LEU B 184 -20.23 -5.10 -22.04
C LEU B 184 -19.04 -5.77 -22.73
N GLY B 185 -18.84 -7.07 -22.52
CA GLY B 185 -17.70 -7.74 -23.13
C GLY B 185 -16.35 -7.35 -22.57
N LEU B 186 -16.29 -6.97 -21.29
CA LEU B 186 -15.03 -6.69 -20.61
C LEU B 186 -14.59 -7.95 -19.88
N LYS B 187 -13.32 -8.32 -20.06
CA LYS B 187 -12.81 -9.57 -19.53
C LYS B 187 -11.80 -9.39 -18.42
N HIS B 188 -11.24 -8.18 -18.23
CA HIS B 188 -10.23 -7.93 -17.21
C HIS B 188 -10.51 -6.61 -16.51
N SER B 189 -11.77 -6.40 -16.13
CA SER B 189 -12.16 -5.26 -15.32
C SER B 189 -12.63 -5.78 -13.97
N TYR B 190 -12.26 -5.08 -12.89
CA TYR B 190 -12.43 -5.65 -11.56
C TYR B 190 -12.82 -4.57 -10.55
N VAL B 191 -13.65 -4.97 -9.59
CA VAL B 191 -13.74 -4.25 -8.32
C VAL B 191 -12.66 -4.73 -7.36
N ASN B 192 -12.48 -6.05 -7.29
CA ASN B 192 -11.41 -6.68 -6.53
C ASN B 192 -10.53 -7.47 -7.50
N VAL B 193 -9.28 -7.06 -7.63
CA VAL B 193 -8.35 -7.74 -8.54
C VAL B 193 -8.05 -9.14 -8.00
N PRO B 194 -8.29 -10.19 -8.78
CA PRO B 194 -8.05 -11.55 -8.29
C PRO B 194 -6.58 -11.86 -8.12
N LYS B 195 -6.32 -12.90 -7.32
CA LYS B 195 -4.94 -13.34 -7.08
C LYS B 195 -4.22 -13.61 -8.40
N THR B 196 -4.90 -14.26 -9.35
CA THR B 196 -4.27 -14.60 -10.62
C THR B 196 -4.01 -13.39 -11.50
N GLN B 197 -4.53 -12.22 -11.15
CA GLN B 197 -4.32 -11.01 -11.93
C GLN B 197 -3.42 -10.00 -11.23
N MET B 198 -3.03 -10.24 -9.98
CA MET B 198 -2.14 -9.31 -9.30
C MET B 198 -0.88 -9.06 -10.10
N GLN B 199 -0.39 -10.07 -10.82
CA GLN B 199 0.80 -9.91 -11.66
C GLN B 199 0.62 -8.84 -12.71
N ASN B 200 -0.61 -8.48 -13.06
CA ASN B 200 -0.90 -7.49 -14.09
C ASN B 200 -1.39 -6.17 -13.51
N TYR B 201 -1.49 -6.06 -12.18
CA TYR B 201 -2.07 -4.88 -11.56
C TYR B 201 -0.97 -3.85 -11.39
N ALA B 202 -1.08 -2.75 -12.13
CA ALA B 202 -0.06 -1.70 -12.05
C ALA B 202 0.00 -1.12 -10.64
N PHE B 203 1.18 -0.65 -10.27
CA PHE B 203 1.32 0.25 -9.14
C PHE B 203 1.16 1.68 -9.61
N GLY B 204 0.50 2.48 -8.79
CA GLY B 204 0.48 3.91 -9.01
C GLY B 204 1.68 4.54 -8.38
N TYR B 205 1.93 5.80 -8.74
CA TYR B 205 3.10 6.50 -8.21
C TYR B 205 2.73 7.92 -7.85
N ASN B 206 3.17 8.36 -6.69
CA ASN B 206 2.83 9.69 -6.21
C ASN B 206 3.90 10.68 -6.69
N GLN B 207 3.89 11.89 -6.13
CA GLN B 207 4.80 12.93 -6.60
C GLN B 207 6.25 12.62 -6.28
N GLU B 208 6.50 11.82 -5.24
CA GLU B 208 7.86 11.39 -4.93
C GLU B 208 8.23 10.13 -5.69
N ASN B 209 7.43 9.75 -6.69
CA ASN B 209 7.54 8.48 -7.39
C ASN B 209 7.75 7.34 -6.41
N GLN B 210 7.01 7.38 -5.31
CA GLN B 210 6.83 6.21 -4.47
C GLN B 210 5.57 5.45 -4.91
N PRO B 211 5.63 4.11 -4.86
CA PRO B 211 4.46 3.32 -5.26
C PRO B 211 3.29 3.55 -4.32
N ILE B 212 2.09 3.53 -4.89
CA ILE B 212 0.88 3.75 -4.11
C ILE B 212 -0.26 3.00 -4.78
N ARG B 213 -1.21 2.55 -3.97
CA ARG B 213 -2.34 1.77 -4.43
C ARG B 213 -3.56 2.26 -3.66
N VAL B 214 -4.71 2.31 -4.34
CA VAL B 214 -5.90 2.86 -3.71
C VAL B 214 -6.21 2.06 -2.44
N ASN B 215 -6.53 2.78 -1.36
CA ASN B 215 -6.87 2.15 -0.10
C ASN B 215 -8.36 1.75 -0.08
N PRO B 216 -8.72 0.74 0.71
CA PRO B 216 -10.14 0.44 0.91
C PRO B 216 -10.83 1.57 1.66
N GLY B 217 -12.08 1.85 1.27
CA GLY B 217 -12.83 2.92 1.88
C GLY B 217 -14.32 2.65 1.92
N PRO B 218 -15.06 3.47 2.68
CA PRO B 218 -16.52 3.31 2.73
C PRO B 218 -17.14 3.52 1.35
N LEU B 219 -17.94 2.54 0.92
CA LEU B 219 -18.63 2.61 -0.38
C LEU B 219 -17.67 3.06 -1.49
N ASP B 220 -16.41 2.63 -1.37
CA ASP B 220 -15.39 3.05 -2.32
C ASP B 220 -15.65 2.51 -3.72
N ALA B 221 -16.01 1.24 -3.83
CA ALA B 221 -16.09 0.59 -5.14
C ALA B 221 -16.95 1.35 -6.15
N PRO B 222 -18.18 1.77 -5.84
CA PRO B 222 -18.98 2.48 -6.84
C PRO B 222 -18.51 3.89 -7.13
N ALA B 223 -17.69 4.48 -6.28
CA ALA B 223 -17.24 5.86 -6.47
C ALA B 223 -15.90 5.98 -7.16
N TYR B 224 -14.96 5.07 -6.86
CA TYR B 224 -13.60 5.18 -7.38
C TYR B 224 -12.82 3.88 -7.23
N GLY B 225 -13.52 2.75 -7.13
CA GLY B 225 -12.89 1.49 -6.81
C GLY B 225 -12.73 0.48 -7.93
N VAL B 226 -12.95 0.87 -9.19
CA VAL B 226 -12.88 -0.05 -10.33
C VAL B 226 -11.50 0.06 -10.98
N LYS B 227 -10.96 -1.09 -11.42
CA LYS B 227 -9.71 -1.18 -12.16
C LYS B 227 -9.96 -1.90 -13.48
N SER B 228 -9.22 -1.51 -14.51
CA SER B 228 -9.47 -2.06 -15.85
C SER B 228 -8.21 -1.92 -16.71
N THR B 229 -8.25 -2.56 -17.87
CA THR B 229 -7.17 -2.55 -18.86
C THR B 229 -7.54 -1.65 -20.02
N LEU B 230 -6.53 -1.28 -20.81
CA LEU B 230 -6.80 -0.47 -21.98
C LEU B 230 -7.77 -1.15 -22.94
N PRO B 231 -7.55 -2.40 -23.36
CA PRO B 231 -8.52 -3.07 -24.23
C PRO B 231 -9.94 -3.05 -23.68
N ASP B 232 -10.11 -3.27 -22.38
CA ASP B 232 -11.45 -3.24 -21.80
C ASP B 232 -12.06 -1.85 -21.91
N MET B 233 -11.29 -0.82 -21.61
CA MET B 233 -11.84 0.53 -21.66
C MET B 233 -12.16 0.95 -23.10
N LEU B 234 -11.37 0.49 -24.06
CA LEU B 234 -11.73 0.71 -25.46
C LEU B 234 -13.04 0.03 -25.81
N SER B 235 -13.25 -1.21 -25.32
CA SER B 235 -14.52 -1.88 -25.55
C SER B 235 -15.67 -1.08 -24.95
N PHE B 236 -15.47 -0.56 -23.74
CA PHE B 236 -16.48 0.25 -23.08
C PHE B 236 -16.80 1.49 -23.89
N ILE B 237 -15.77 2.15 -24.44
CA ILE B 237 -16.00 3.30 -25.31
C ILE B 237 -16.67 2.85 -26.60
N HIS B 238 -16.30 1.69 -27.12
CA HIS B 238 -16.96 1.16 -28.29
C HIS B 238 -18.46 0.99 -28.06
N ALA B 239 -18.84 0.49 -26.88
CA ALA B 239 -20.25 0.30 -26.57
C ALA B 239 -20.98 1.63 -26.45
N ASN B 240 -20.33 2.64 -25.86
CA ASN B 240 -20.96 3.95 -25.75
C ASN B 240 -21.11 4.61 -27.12
N LEU B 241 -20.21 4.33 -28.05
CA LEU B 241 -20.33 4.85 -29.40
C LEU B 241 -21.34 4.09 -30.24
N ASN B 242 -21.57 2.82 -29.93
CA ASN B 242 -22.43 1.94 -30.73
C ASN B 242 -23.34 1.14 -29.81
N PRO B 243 -24.22 1.81 -29.06
CA PRO B 243 -25.08 1.08 -28.13
C PRO B 243 -26.08 0.17 -28.84
N GLN B 244 -26.43 0.43 -30.09
CA GLN B 244 -27.37 -0.44 -30.79
C GLN B 244 -26.74 -1.76 -31.18
N LYS B 245 -25.40 -1.84 -31.22
CA LYS B 245 -24.72 -3.09 -31.56
C LYS B 245 -24.71 -4.09 -30.41
N TYR B 246 -25.41 -3.80 -29.30
CA TYR B 246 -25.43 -4.63 -28.11
C TYR B 246 -26.84 -5.03 -27.75
N PRO B 247 -27.01 -6.07 -26.92
CA PRO B 247 -28.36 -6.46 -26.48
C PRO B 247 -29.09 -5.31 -25.81
N ALA B 248 -30.43 -5.40 -25.85
CA ALA B 248 -31.26 -4.32 -25.34
C ALA B 248 -31.03 -4.06 -23.85
N ASP B 249 -30.86 -5.13 -23.07
CA ASP B 249 -30.62 -4.96 -21.64
C ASP B 249 -29.45 -4.02 -21.38
N ILE B 250 -28.30 -4.31 -21.98
CA ILE B 250 -27.14 -3.45 -21.78
C ILE B 250 -27.24 -2.19 -22.65
N GLN B 251 -27.86 -2.28 -23.83
CA GLN B 251 -28.00 -1.10 -24.68
C GLN B 251 -28.89 -0.04 -24.03
N ARG B 252 -29.97 -0.47 -23.36
CA ARG B 252 -30.80 0.50 -22.66
C ARG B 252 -30.03 1.14 -21.50
N ALA B 253 -29.24 0.34 -20.78
CA ALA B 253 -28.43 0.87 -19.70
C ALA B 253 -27.49 1.97 -20.21
N ILE B 254 -26.88 1.75 -21.39
CA ILE B 254 -25.91 2.72 -21.91
C ILE B 254 -26.62 4.02 -22.29
N ASN B 255 -27.75 3.92 -23.00
CA ASN B 255 -28.47 5.14 -23.38
C ASN B 255 -28.87 5.95 -22.16
N GLU B 256 -29.28 5.27 -21.07
CA GLU B 256 -29.67 5.98 -19.87
C GLU B 256 -28.53 6.85 -19.35
N THR B 257 -27.28 6.39 -19.48
CA THR B 257 -26.13 7.15 -19.03
C THR B 257 -25.74 8.28 -19.97
N HIS B 258 -26.38 8.39 -21.13
CA HIS B 258 -26.12 9.49 -22.05
C HIS B 258 -27.15 10.62 -21.94
N GLN B 259 -28.16 10.48 -21.08
CA GLN B 259 -29.25 11.44 -21.00
C GLN B 259 -28.95 12.48 -19.93
N GLY B 260 -28.77 13.74 -20.35
CA GLY B 260 -28.48 14.80 -19.41
C GLY B 260 -29.65 15.06 -18.48
N ARG B 261 -29.36 15.13 -17.18
CA ARG B 261 -30.37 15.28 -16.13
C ARG B 261 -30.48 16.70 -15.60
N TYR B 262 -29.58 17.59 -16.02
CA TYR B 262 -29.61 19.00 -15.67
C TYR B 262 -28.34 19.65 -16.21
N GLN B 263 -28.30 20.97 -16.26
CA GLN B 263 -27.14 21.67 -16.78
C GLN B 263 -26.45 22.47 -15.68
N VAL B 264 -25.16 22.71 -15.88
CA VAL B 264 -24.39 23.61 -15.02
C VAL B 264 -23.43 24.37 -15.92
N ASN B 265 -23.76 25.62 -16.23
CA ASN B 265 -23.01 26.42 -17.20
C ASN B 265 -23.02 25.63 -18.51
N THR B 266 -21.86 25.32 -19.09
CA THR B 266 -21.78 24.65 -20.37
C THR B 266 -21.70 23.13 -20.27
N MET B 267 -21.87 22.57 -19.08
CA MET B 267 -21.82 21.13 -18.87
C MET B 267 -23.21 20.58 -18.56
N TYR B 268 -23.54 19.46 -19.20
CA TYR B 268 -24.77 18.73 -18.90
C TYR B 268 -24.41 17.52 -18.07
N GLN B 269 -25.02 17.39 -16.90
CA GLN B 269 -24.75 16.27 -16.01
C GLN B 269 -25.61 15.09 -16.43
N ALA B 270 -25.00 14.09 -17.02
CA ALA B 270 -25.70 12.87 -17.40
C ALA B 270 -25.58 11.87 -16.24
N LEU B 271 -25.88 10.60 -16.49
CA LEU B 271 -25.70 9.55 -15.50
C LEU B 271 -24.24 9.10 -15.52
N GLY B 272 -23.44 9.68 -14.63
CA GLY B 272 -22.01 9.39 -14.60
C GLY B 272 -21.24 10.21 -15.62
N TRP B 273 -21.53 9.99 -16.90
CA TRP B 273 -20.91 10.78 -17.96
C TRP B 273 -21.19 12.26 -17.80
N GLU B 274 -20.23 13.07 -18.23
CA GLU B 274 -20.42 14.50 -18.41
C GLU B 274 -20.66 14.76 -19.89
N GLU B 275 -21.70 15.54 -20.18
CA GLU B 275 -22.20 15.71 -21.54
C GLU B 275 -22.03 17.16 -21.98
N PHE B 276 -21.70 17.35 -23.27
CA PHE B 276 -21.44 18.66 -23.81
C PHE B 276 -22.03 18.76 -25.22
N SER B 277 -22.38 19.97 -25.62
CA SER B 277 -22.78 20.21 -27.00
C SER B 277 -21.55 20.09 -27.90
N TYR B 278 -21.68 19.33 -29.00
CA TYR B 278 -20.60 19.14 -29.96
C TYR B 278 -20.89 19.89 -31.25
N PRO B 279 -19.90 20.61 -31.80
CA PRO B 279 -18.52 20.63 -31.27
C PRO B 279 -18.41 21.45 -29.98
N ALA B 280 -17.52 21.02 -29.08
CA ALA B 280 -17.30 21.70 -27.82
C ALA B 280 -15.94 22.37 -27.84
N THR B 281 -15.87 23.57 -27.26
CA THR B 281 -14.58 24.25 -27.12
C THR B 281 -13.72 23.51 -26.11
N LEU B 282 -12.40 23.59 -26.32
CA LEU B 282 -11.47 23.12 -25.30
C LEU B 282 -11.77 23.75 -23.95
N GLN B 283 -12.07 25.05 -23.95
CA GLN B 283 -12.34 25.73 -22.68
C GLN B 283 -13.51 25.09 -21.96
N THR B 284 -14.57 24.78 -22.69
CA THR B 284 -15.73 24.13 -22.07
C THR B 284 -15.35 22.79 -21.45
N LEU B 285 -14.51 22.01 -22.14
CA LEU B 285 -14.07 20.73 -21.58
C LEU B 285 -13.21 20.93 -20.34
N LEU B 286 -12.36 21.96 -20.33
CA LEU B 286 -11.54 22.24 -19.15
C LEU B 286 -12.39 22.76 -17.99
N ASP B 287 -13.43 23.53 -18.29
CA ASP B 287 -14.27 24.10 -17.26
C ASP B 287 -15.01 23.02 -16.46
N SER B 288 -15.31 21.88 -17.09
CA SER B 288 -15.98 20.81 -16.36
C SER B 288 -15.15 20.27 -15.22
N ASN B 289 -13.82 20.46 -15.25
CA ASN B 289 -12.94 20.00 -14.20
C ASN B 289 -12.42 21.14 -13.32
N SER B 290 -13.01 22.33 -13.45
CA SER B 290 -12.59 23.47 -12.65
C SER B 290 -12.92 23.24 -11.18
N GLU B 291 -12.12 23.88 -10.31
CA GLU B 291 -12.37 23.83 -8.88
C GLU B 291 -13.83 24.14 -8.56
N GLN B 292 -14.41 25.15 -9.22
CA GLN B 292 -15.78 25.56 -8.92
C GLN B 292 -16.77 24.43 -9.17
N ILE B 293 -16.55 23.65 -10.24
CA ILE B 293 -17.49 22.60 -10.62
C ILE B 293 -17.25 21.33 -9.79
N VAL B 294 -15.99 21.00 -9.51
CA VAL B 294 -15.67 19.75 -8.84
C VAL B 294 -15.77 19.89 -7.32
N MET B 295 -15.31 21.01 -6.76
CA MET B 295 -15.21 21.16 -5.31
C MET B 295 -16.33 22.02 -4.74
N LYS B 296 -16.38 23.29 -5.14
CA LYS B 296 -17.35 24.21 -4.58
C LYS B 296 -18.77 23.77 -4.93
N PRO B 297 -19.75 24.23 -4.17
CA PRO B 297 -21.15 23.96 -4.53
C PRO B 297 -21.60 24.84 -5.69
N ASN B 298 -22.68 24.40 -6.34
CA ASN B 298 -23.20 25.08 -7.52
C ASN B 298 -24.69 24.86 -7.64
N LYS B 299 -25.42 25.93 -7.93
CA LYS B 299 -26.84 25.81 -8.19
C LYS B 299 -27.06 25.08 -9.52
N VAL B 300 -27.99 24.13 -9.52
CA VAL B 300 -28.27 23.37 -10.73
C VAL B 300 -29.22 24.15 -11.62
N THR B 301 -29.13 23.92 -12.92
CA THR B 301 -29.99 24.57 -13.90
C THR B 301 -30.85 23.52 -14.58
N ALA B 302 -32.16 23.63 -14.42
CA ALA B 302 -33.08 22.68 -15.02
C ALA B 302 -32.93 22.68 -16.54
N ILE B 303 -33.13 21.51 -17.13
CA ILE B 303 -33.02 21.37 -18.58
C ILE B 303 -34.21 22.04 -19.26
N PRO B 307 -28.50 18.95 -26.19
CA PRO B 307 -28.13 19.43 -27.51
C PRO B 307 -28.45 18.44 -28.61
N SER B 308 -28.64 18.92 -29.85
CA SER B 308 -28.91 18.00 -30.95
C SER B 308 -27.72 17.08 -31.21
N VAL B 309 -26.50 17.56 -30.97
CA VAL B 309 -25.28 16.79 -31.17
C VAL B 309 -24.46 16.88 -29.88
N LYS B 310 -24.02 15.73 -29.38
CA LYS B 310 -23.40 15.68 -28.05
C LYS B 310 -22.06 14.97 -28.09
N MET B 311 -21.23 15.26 -27.09
CA MET B 311 -20.05 14.48 -26.78
C MET B 311 -19.99 14.29 -25.27
N TYR B 312 -19.17 13.34 -24.84
CA TYR B 312 -19.12 12.95 -23.44
C TYR B 312 -17.68 12.72 -23.03
N HIS B 313 -17.39 12.92 -21.75
CA HIS B 313 -16.09 12.53 -21.22
C HIS B 313 -16.20 12.34 -19.72
N LYS B 314 -15.08 11.96 -19.11
CA LYS B 314 -14.99 11.88 -17.66
C LYS B 314 -13.53 11.70 -17.30
N THR B 315 -13.03 12.51 -16.38
CA THR B 315 -11.73 12.28 -15.78
C THR B 315 -11.89 11.42 -14.53
N GLY B 316 -10.81 10.72 -14.19
CA GLY B 316 -10.78 9.90 -13.00
C GLY B 316 -9.41 9.90 -12.38
N SER B 317 -9.33 9.92 -11.05
CA SER B 317 -8.04 9.94 -10.37
C SER B 317 -8.13 9.18 -9.06
N THR B 318 -7.06 8.47 -8.75
CA THR B 318 -6.72 8.03 -7.41
C THR B 318 -5.39 8.69 -7.03
N THR B 319 -4.91 8.40 -5.82
CA THR B 319 -3.64 8.99 -5.40
C THR B 319 -2.52 8.71 -6.40
N GLY B 320 -2.54 7.56 -7.08
CA GLY B 320 -1.43 7.21 -7.95
C GLY B 320 -1.73 6.99 -9.42
N PHE B 321 -2.95 7.31 -9.87
CA PHE B 321 -3.38 7.03 -11.22
C PHE B 321 -4.19 8.19 -11.78
N GLY B 322 -4.03 8.44 -13.07
CA GLY B 322 -4.91 9.35 -13.81
C GLY B 322 -5.59 8.64 -14.95
N THR B 323 -6.86 8.99 -15.18
CA THR B 323 -7.68 8.41 -16.24
C THR B 323 -8.45 9.52 -16.96
N TYR B 324 -8.61 9.36 -18.27
CA TYR B 324 -9.52 10.22 -19.02
C TYR B 324 -10.15 9.40 -20.13
N VAL B 325 -11.48 9.51 -20.25
CA VAL B 325 -12.23 8.88 -21.34
C VAL B 325 -13.15 9.92 -21.97
N VAL B 326 -13.26 9.88 -23.30
CA VAL B 326 -14.08 10.82 -24.06
C VAL B 326 -14.45 10.16 -25.37
N PHE B 327 -15.66 10.46 -25.86
CA PHE B 327 -16.06 9.95 -27.16
C PHE B 327 -17.02 10.94 -27.82
N ILE B 328 -17.08 10.88 -29.15
CA ILE B 328 -17.94 11.77 -29.93
C ILE B 328 -18.71 10.91 -30.93
N PRO B 329 -19.99 10.63 -30.68
CA PRO B 329 -20.73 9.76 -31.61
C PRO B 329 -20.74 10.25 -33.04
N LYS B 330 -20.95 11.56 -33.27
CA LYS B 330 -21.04 12.07 -34.63
C LYS B 330 -19.80 11.70 -35.44
N GLU B 331 -18.62 11.89 -34.86
CA GLU B 331 -17.39 11.50 -35.51
C GLU B 331 -17.08 10.01 -35.35
N ASN B 332 -17.84 9.32 -34.50
CA ASN B 332 -17.59 7.91 -34.21
C ASN B 332 -16.13 7.67 -33.82
N ILE B 333 -15.65 8.52 -32.90
CA ILE B 333 -14.29 8.40 -32.37
C ILE B 333 -14.34 8.52 -30.86
N GLY B 334 -13.30 7.98 -30.23
CA GLY B 334 -13.17 8.04 -28.79
C GLY B 334 -11.72 7.81 -28.42
N LEU B 335 -11.40 8.15 -27.18
CA LEU B 335 -10.03 8.05 -26.68
C LEU B 335 -10.06 7.70 -25.20
N VAL B 336 -9.09 6.88 -24.78
CA VAL B 336 -8.86 6.55 -23.38
C VAL B 336 -7.41 6.82 -23.07
N MET B 337 -7.15 7.48 -21.94
CA MET B 337 -5.81 7.67 -21.40
C MET B 337 -5.76 7.08 -20.00
N LEU B 338 -4.74 6.25 -19.75
CA LEU B 338 -4.50 5.63 -18.45
C LEU B 338 -3.03 5.85 -18.10
N THR B 339 -2.77 6.42 -16.92
CA THR B 339 -1.41 6.64 -16.44
C THR B 339 -1.32 6.19 -14.99
N ASN B 340 -0.18 5.63 -14.60
CA ASN B 340 0.03 5.26 -13.20
C ASN B 340 0.80 6.36 -12.46
N LYS B 341 0.52 7.60 -12.83
CA LYS B 341 0.82 8.77 -12.02
C LYS B 341 -0.22 9.83 -12.36
N ARG B 342 -0.80 10.45 -11.32
CA ARG B 342 -1.72 11.55 -11.53
C ARG B 342 -0.99 12.69 -12.24
N ILE B 343 -1.55 13.13 -13.36
CA ILE B 343 -1.09 14.35 -14.03
C ILE B 343 -2.27 15.32 -14.09
N PRO B 344 -2.01 16.61 -14.26
CA PRO B 344 -3.09 17.60 -14.22
C PRO B 344 -4.22 17.26 -15.17
N ASN B 345 -5.45 17.49 -14.71
CA ASN B 345 -6.62 17.19 -15.54
C ASN B 345 -6.57 17.93 -16.87
N GLU B 346 -6.11 19.19 -16.83
CA GLU B 346 -6.09 19.99 -18.05
C GLU B 346 -5.13 19.40 -19.08
N GLU B 347 -4.03 18.80 -18.61
CA GLU B 347 -3.11 18.16 -19.54
C GLU B 347 -3.76 16.96 -20.23
N ARG B 348 -4.56 16.19 -19.50
CA ARG B 348 -5.27 15.07 -20.12
C ARG B 348 -6.22 15.57 -21.18
N ILE B 349 -7.04 16.57 -20.84
CA ILE B 349 -8.05 17.07 -21.76
C ILE B 349 -7.39 17.70 -22.98
N LYS B 350 -6.34 18.49 -22.78
CA LYS B 350 -5.69 19.17 -23.90
C LYS B 350 -5.13 18.17 -24.91
N ALA B 351 -4.40 17.16 -24.42
CA ALA B 351 -3.77 16.19 -25.30
C ALA B 351 -4.81 15.38 -26.05
N ALA B 352 -5.84 14.90 -25.33
CA ALA B 352 -6.93 14.19 -25.99
C ALA B 352 -7.62 15.08 -27.02
N TYR B 353 -7.81 16.35 -26.68
CA TYR B 353 -8.45 17.28 -27.61
C TYR B 353 -7.64 17.41 -28.88
N ALA B 354 -6.32 17.53 -28.75
CA ALA B 354 -5.46 17.68 -29.93
C ALA B 354 -5.49 16.42 -30.78
N VAL B 355 -5.48 15.24 -30.14
CA VAL B 355 -5.50 14.01 -30.92
C VAL B 355 -6.84 13.85 -31.63
N LEU B 356 -7.94 14.09 -30.91
CA LEU B 356 -9.26 13.91 -31.50
C LEU B 356 -9.49 14.87 -32.66
N ASN B 357 -8.99 16.10 -32.54
CA ASN B 357 -9.18 17.04 -33.64
C ASN B 357 -8.29 16.69 -34.82
N ALA B 358 -7.16 16.03 -34.58
CA ALA B 358 -6.28 15.64 -35.68
C ALA B 358 -6.88 14.47 -36.45
N ILE B 359 -7.42 13.47 -35.75
CA ILE B 359 -8.01 12.34 -36.44
C ILE B 359 -9.40 12.66 -36.99
N LYS B 360 -10.00 13.76 -36.58
CA LYS B 360 -11.27 14.24 -37.11
C LYS B 360 -12.41 13.29 -36.79
N1 YDB C . 13.93 -22.66 14.54
C1 YDB C . 13.23 -21.55 13.92
N2 YDB C . 12.18 -20.95 14.44
N3 YDB C . 11.66 -19.88 13.70
C2 YDB C . 12.34 -19.67 12.53
S1 YDB C . 12.01 -18.39 11.29
C3 YDB C . 13.23 -17.12 11.74
C4 YDB C . 13.80 -16.31 10.57
O1 YDB C . 14.61 -16.77 9.83
N4 YDB C . 13.34 -14.95 10.39
C5 YDB C . 13.86 -14.11 9.32
C6 YDB C . 13.38 -14.58 7.95
N5 YDB C . 11.95 -14.85 7.96
C7 YDB C . 10.98 -14.02 7.41
C8 YDB C . 9.75 -14.62 7.61
C9 YDB C . 8.41 -14.04 7.15
O2 YDB C . 8.38 -13.23 6.19
O3 YDB C . 7.35 -14.39 7.72
N6 YDB C . 9.95 -15.83 8.24
N7 YDB C . 11.33 -15.98 8.46
B1 YDB C . 13.46 -12.60 9.63
O5 YDB C . 12.37 -12.56 10.40
O6 YDB C . 13.28 -11.88 8.50
S2 YDB C . 13.69 -20.83 12.38
S DMS D . 13.94 5.21 28.21
O DMS D . 12.89 5.17 27.14
C1 DMS D . 15.54 5.66 27.49
C2 DMS D . 14.26 3.52 28.78
H11 DMS D . 15.59 5.32 26.49
H12 DMS D . 16.33 5.22 28.05
H13 DMS D . 15.66 6.72 27.50
H21 DMS D . 13.35 3.06 29.05
H22 DMS D . 14.72 2.97 28.01
H23 DMS D . 14.91 3.56 29.62
P PO4 E . 3.83 -23.98 10.54
O1 PO4 E . 3.48 -23.71 9.09
O2 PO4 E . 3.21 -25.31 10.95
O3 PO4 E . 3.27 -22.87 11.40
O4 PO4 E . 5.32 -24.05 10.71
P PO4 F . 18.20 10.16 11.91
O1 PO4 F . 17.02 9.50 11.23
O2 PO4 F . 18.47 9.51 13.25
O3 PO4 F . 17.87 11.62 12.12
O4 PO4 F . 19.45 10.01 11.06
N1 YDB G . -6.16 5.85 -1.59
C1 YDB G . -7.05 6.68 -2.37
N2 YDB G . -6.77 7.16 -3.57
N3 YDB G . -7.77 7.96 -4.16
C2 YDB G . -8.87 8.08 -3.34
S1 YDB G . -10.37 9.01 -3.75
C3 YDB G . -10.31 9.29 -5.53
C4 YDB G . -11.45 10.24 -5.85
O1 YDB G . -12.19 10.59 -4.98
N4 YDB G . -11.60 10.70 -7.22
C5 YDB G . -12.68 11.60 -7.59
C6 YDB G . -12.41 13.05 -7.20
N5 YDB G . -11.00 13.38 -7.29
C7 YDB G . -10.39 14.11 -8.31
C8 YDB G . -9.04 14.21 -8.01
C9 YDB G . -7.97 14.92 -8.84
O2 YDB G . -8.32 15.78 -9.69
O3 YDB G . -6.75 14.64 -8.65
N6 YDB G . -8.82 13.55 -6.81
N7 YDB G . -10.04 13.04 -6.36
B1 YDB G . -12.89 11.46 -9.15
O5 YDB G . -11.73 11.05 -9.72
O6 YDB G . -13.26 12.64 -9.67
S2 YDB G . -8.65 7.18 -1.82
#